data_6LWD
#
_entry.id   6LWD
#
_cell.length_a   73.585
_cell.length_b   109.307
_cell.length_c   168.239
_cell.angle_alpha   90.000
_cell.angle_beta   90.000
_cell.angle_gamma   90.000
#
_symmetry.space_group_name_H-M   'P 21 21 21'
#
loop_
_entity.id
_entity.type
_entity.pdbx_description
1 polymer 'Endonuclease 8-like 1'
2 polymer "DNA (5'-D(*CP*GP*TP*CP*CP*AP*(DSP)P*GP*TP*CP*TP*AP*C)-3')"
3 polymer "DNA (5'-D(*TP*AP*GP*AP*CP*CP*TP*GP*GP*AP*CP*GP*G)-3')"
4 non-polymer GLYCEROL
5 water water
#
loop_
_entity_poly.entity_id
_entity_poly.type
_entity_poly.pdbx_seq_one_letter_code
_entity_poly.pdbx_strand_id
1 'polypeptide(L)'
;MGQGPELHLASQFVNEACRALVFGGCVEKSSVSRNPEVPFESSAYRISASARGKELRLILSPLPGAQPQQEPLALVFRFG
MSGSFQLVPREELPRHAHLRFYTAPPGPRLALCFVDIRRFGRWDLGGKWQPGRGPCVLQEYQQFRENVLRNLADKAFDRP
ICEALLDQRFFNGIGNYLRAEILYRLKIPPFEKARSVLEALQQHRPSPELTLSQKIRTKLQNPDLLELCHSVPKEVVQLG
GRGYGSESGEEDFAAFRAWLRCYGMPGMSSLQDRHGRTIWFQGDPGPLAPKGRKS
;
A,D,G
2 'polydeoxyribonucleotide' (DC)(DG)(DT)(DC)(DC)(DA)(EWC)(DG)(DT)(DC)(DT)(DA)(DC) B,E,H
3 'polydeoxyribonucleotide' (DT)(DA)(DG)(DA)(DC)(DC)(DT)(DG)(DG)(DA)(DC)(DG)(DG) C,F,I
#
# COMPACT_ATOMS: atom_id res chain seq x y z
N GLY A 2 20.17 -11.72 -10.14
CA GLY A 2 19.22 -12.53 -10.92
C GLY A 2 18.01 -11.71 -11.30
N GLN A 3 17.15 -12.27 -12.15
CA GLN A 3 15.85 -11.71 -12.56
C GLN A 3 14.77 -12.56 -11.91
N GLY A 4 13.51 -12.26 -12.21
CA GLY A 4 12.34 -12.92 -11.62
C GLY A 4 12.52 -14.43 -11.59
N PRO A 5 12.86 -15.09 -12.70
CA PRO A 5 12.96 -16.55 -12.68
C PRO A 5 14.01 -17.09 -11.69
N GLU A 6 15.14 -16.39 -11.55
CA GLU A 6 16.27 -16.82 -10.69
C GLU A 6 15.86 -16.65 -9.22
N LEU A 7 15.29 -15.51 -8.86
CA LEU A 7 14.72 -15.24 -7.51
C LEU A 7 13.65 -16.29 -7.18
N HIS A 8 12.76 -16.59 -8.10
CA HIS A 8 11.70 -17.60 -7.88
C HIS A 8 12.32 -18.98 -7.61
N LEU A 9 13.24 -19.41 -8.47
CA LEU A 9 13.94 -20.73 -8.33
C LEU A 9 14.74 -20.77 -7.02
N ALA A 10 15.39 -19.67 -6.63
CA ALA A 10 16.13 -19.53 -5.36
C ALA A 10 15.16 -19.74 -4.18
N SER A 11 13.98 -19.10 -4.22
CA SER A 11 12.93 -19.28 -3.18
C SER A 11 12.49 -20.74 -3.13
N GLN A 12 12.34 -21.41 -4.27
CA GLN A 12 11.93 -22.85 -4.29
C GLN A 12 13.07 -23.70 -3.74
N PHE A 13 14.32 -23.31 -3.98
CA PHE A 13 15.52 -24.05 -3.48
C PHE A 13 15.52 -23.99 -1.96
N VAL A 14 15.35 -22.80 -1.39
CA VAL A 14 15.32 -22.62 0.07
C VAL A 14 14.20 -23.48 0.67
N ASN A 15 12.99 -23.45 0.10
CA ASN A 15 11.84 -24.20 0.66
C ASN A 15 12.08 -25.71 0.58
N GLU A 16 12.63 -26.19 -0.54
CA GLU A 16 12.83 -27.64 -0.82
C GLU A 16 13.99 -28.15 0.06
N ALA A 17 15.11 -27.42 0.06
CA ALA A 17 16.37 -27.83 0.69
C ALA A 17 16.24 -27.73 2.21
N CYS A 18 15.44 -26.78 2.73
CA CYS A 18 15.32 -26.50 4.18
C CYS A 18 14.06 -27.14 4.78
N ARG A 19 13.31 -27.89 3.99
CA ARG A 19 12.01 -28.47 4.43
C ARG A 19 12.22 -29.34 5.65
N ALA A 20 13.26 -30.18 5.66
CA ALA A 20 13.51 -31.15 6.76
C ALA A 20 14.72 -30.71 7.59
N LEU A 21 15.10 -29.43 7.54
CA LEU A 21 16.26 -28.94 8.32
C LEU A 21 15.79 -28.08 9.48
N VAL A 22 16.56 -28.12 10.57
CA VAL A 22 16.40 -27.25 11.75
C VAL A 22 17.69 -26.45 11.95
N PHE A 23 17.59 -25.12 12.02
CA PHE A 23 18.72 -24.18 12.24
C PHE A 23 18.75 -23.78 13.72
N GLY A 24 19.95 -23.44 14.19
CA GLY A 24 20.24 -23.01 15.57
C GLY A 24 21.28 -21.90 15.64
N GLY A 25 21.22 -21.12 16.69
CA GLY A 25 22.21 -20.07 17.00
C GLY A 25 21.90 -18.79 16.26
N CYS A 26 22.94 -18.08 15.85
CA CYS A 26 22.87 -16.72 15.28
C CYS A 26 22.95 -16.78 13.76
N VAL A 27 22.65 -15.64 13.15
CA VAL A 27 22.83 -15.38 11.70
C VAL A 27 24.16 -14.65 11.56
N GLU A 28 25.13 -15.29 10.91
CA GLU A 28 26.50 -14.76 10.75
C GLU A 28 26.65 -14.00 9.42
N LYS A 29 27.07 -12.74 9.51
CA LYS A 29 27.43 -11.86 8.37
C LYS A 29 28.96 -11.93 8.19
N SER A 30 29.45 -12.00 6.95
CA SER A 30 30.88 -11.76 6.62
C SER A 30 31.28 -10.38 7.14
N SER A 31 32.55 -10.14 7.44
CA SER A 31 32.95 -8.83 8.02
C SER A 31 32.98 -7.74 6.94
N VAL A 32 33.06 -8.09 5.65
CA VAL A 32 33.22 -7.12 4.52
C VAL A 32 31.85 -6.64 4.01
N SER A 33 30.74 -7.35 4.31
CA SER A 33 29.38 -6.93 3.91
C SER A 33 28.98 -5.62 4.61
N ARG A 34 28.52 -4.64 3.83
CA ARG A 34 27.99 -3.34 4.33
C ARG A 34 26.48 -3.46 4.63
N ASN A 35 25.87 -4.62 4.39
CA ASN A 35 24.46 -4.90 4.74
C ASN A 35 24.35 -5.06 6.25
N PRO A 36 23.15 -4.93 6.85
CA PRO A 36 23.00 -4.90 8.30
C PRO A 36 23.20 -6.27 8.97
N GLU A 37 23.70 -6.27 10.21
CA GLU A 37 23.67 -7.45 11.10
C GLU A 37 22.21 -7.88 11.27
N VAL A 38 21.96 -9.18 11.26
CA VAL A 38 20.63 -9.79 11.53
C VAL A 38 20.56 -10.09 13.02
N PRO A 39 19.85 -9.27 13.83
CA PRO A 39 19.70 -9.52 15.26
C PRO A 39 18.64 -10.61 15.44
N PHE A 40 19.06 -11.87 15.34
CA PHE A 40 18.20 -13.07 15.49
C PHE A 40 19.03 -14.21 16.07
N GLU A 41 18.56 -14.81 17.17
CA GLU A 41 19.13 -16.06 17.73
C GLU A 41 18.00 -16.99 18.22
N SER A 42 18.07 -18.27 17.85
CA SER A 42 17.11 -19.32 18.27
C SER A 42 17.80 -20.69 18.31
N SER A 43 17.52 -21.50 19.33
CA SER A 43 18.06 -22.88 19.54
C SER A 43 17.56 -23.80 18.42
N ALA A 44 16.41 -23.45 17.82
CA ALA A 44 15.67 -24.29 16.85
C ALA A 44 14.72 -23.44 16.02
N TYR A 45 15.05 -23.17 14.74
CA TYR A 45 14.21 -22.40 13.80
C TYR A 45 14.26 -23.04 12.41
N ARG A 46 13.20 -22.82 11.67
CA ARG A 46 13.03 -23.22 10.25
C ARG A 46 13.09 -21.99 9.35
N ILE A 47 13.59 -22.19 8.12
CA ILE A 47 13.74 -21.14 7.08
C ILE A 47 12.84 -21.48 5.89
N SER A 48 12.05 -20.52 5.45
CA SER A 48 11.15 -20.62 4.27
C SER A 48 11.27 -19.31 3.46
N ALA A 49 10.76 -19.31 2.25
CA ALA A 49 11.04 -18.22 1.31
C ALA A 49 9.85 -18.00 0.40
N SER A 50 9.72 -16.76 -0.06
CA SER A 50 8.87 -16.44 -1.22
C SER A 50 9.57 -15.38 -2.05
N ALA A 51 9.24 -15.36 -3.33
CA ALA A 51 9.82 -14.40 -4.29
C ALA A 51 8.72 -13.45 -4.74
N ARG A 52 9.10 -12.18 -4.94
CA ARG A 52 8.24 -11.20 -5.62
C ARG A 52 9.12 -10.40 -6.55
N GLY A 53 9.00 -10.63 -7.86
CA GLY A 53 9.86 -9.95 -8.83
C GLY A 53 11.31 -10.26 -8.57
N LYS A 54 12.12 -9.21 -8.41
CA LYS A 54 13.58 -9.27 -8.20
C LYS A 54 13.92 -9.25 -6.70
N GLU A 55 12.96 -9.61 -5.83
CA GLU A 55 13.15 -9.63 -4.36
C GLU A 55 12.81 -11.01 -3.82
N LEU A 56 13.49 -11.44 -2.78
CA LEU A 56 13.21 -12.72 -2.09
C LEU A 56 13.04 -12.42 -0.60
N ARG A 57 11.99 -12.94 0.01
CA ARG A 57 11.73 -12.80 1.46
C ARG A 57 12.05 -14.15 2.11
N LEU A 58 12.98 -14.13 3.08
CA LEU A 58 13.25 -15.29 3.97
C LEU A 58 12.43 -15.06 5.24
N ILE A 59 11.78 -16.11 5.73
CA ILE A 59 11.16 -16.09 7.08
C ILE A 59 11.92 -17.07 7.99
N LEU A 60 12.41 -16.55 9.11
CA LEU A 60 13.06 -17.33 10.19
C LEU A 60 12.01 -17.55 11.29
N SER A 61 11.57 -18.81 11.43
CA SER A 61 10.42 -19.21 12.31
C SER A 61 10.88 -20.17 13.42
N PRO A 62 11.12 -19.67 14.65
CA PRO A 62 11.43 -20.53 15.80
C PRO A 62 10.38 -21.63 16.06
N LEU A 63 10.84 -22.86 16.32
CA LEU A 63 9.97 -24.00 16.69
C LEU A 63 9.39 -23.74 18.09
N PRO A 64 8.24 -24.36 18.42
CA PRO A 64 7.66 -24.22 19.76
C PRO A 64 8.67 -24.61 20.88
N GLY A 65 8.88 -23.64 21.80
CA GLY A 65 9.74 -23.80 22.99
C GLY A 65 11.20 -23.43 22.74
N ALA A 66 11.52 -22.97 21.55
CA ALA A 66 12.87 -22.61 21.24
C ALA A 66 13.29 -21.46 22.10
N GLN A 67 14.55 -21.41 22.42
CA GLN A 67 15.04 -20.35 23.25
C GLN A 67 16.13 -19.64 22.54
N PRO A 68 16.34 -18.37 22.85
CA PRO A 68 15.51 -17.45 23.63
C PRO A 68 14.22 -17.05 22.97
N GLN A 69 13.34 -16.40 23.71
CA GLN A 69 12.05 -15.95 23.19
C GLN A 69 12.29 -15.11 21.97
N GLN A 70 11.62 -15.45 20.89
CA GLN A 70 11.84 -14.78 19.62
C GLN A 70 10.68 -14.96 18.67
N GLU A 71 10.12 -13.86 18.20
CA GLU A 71 9.06 -13.88 17.15
C GLU A 71 9.73 -14.21 15.81
N PRO A 72 8.98 -14.77 14.84
CA PRO A 72 9.49 -14.96 13.49
C PRO A 72 10.11 -13.67 12.97
N LEU A 73 11.18 -13.78 12.18
CA LEU A 73 11.86 -12.61 11.57
C LEU A 73 11.86 -12.78 10.05
N ALA A 74 11.46 -11.73 9.35
CA ALA A 74 11.50 -11.62 7.87
C ALA A 74 12.72 -10.80 7.45
N LEU A 75 13.42 -11.25 6.43
CA LEU A 75 14.53 -10.56 5.73
C LEU A 75 14.17 -10.51 4.24
N VAL A 76 14.33 -9.36 3.58
CA VAL A 76 14.14 -9.22 2.12
C VAL A 76 15.48 -8.99 1.46
N PHE A 77 15.77 -9.74 0.39
CA PHE A 77 17.01 -9.75 -0.40
C PHE A 77 16.74 -9.22 -1.81
N ARG A 78 17.63 -8.37 -2.31
CA ARG A 78 17.86 -8.14 -3.76
C ARG A 78 19.21 -8.74 -4.13
N PHE A 79 19.28 -9.49 -5.21
CA PHE A 79 20.46 -10.32 -5.55
C PHE A 79 21.51 -9.50 -6.31
N GLY A 80 21.11 -8.40 -6.96
CA GLY A 80 22.02 -7.70 -7.89
C GLY A 80 22.53 -8.60 -9.01
N MET A 81 23.79 -8.44 -9.40
CA MET A 81 24.39 -9.14 -10.56
C MET A 81 24.81 -10.58 -10.20
N SER A 82 25.10 -10.91 -8.93
CA SER A 82 25.71 -12.22 -8.61
C SER A 82 25.16 -12.84 -7.31
N GLY A 83 23.99 -12.45 -6.84
CA GLY A 83 23.38 -13.06 -5.65
C GLY A 83 22.93 -14.48 -5.88
N SER A 84 22.99 -15.31 -4.83
CA SER A 84 22.47 -16.69 -4.83
C SER A 84 22.36 -17.21 -3.40
N PHE A 85 21.65 -18.32 -3.26
CA PHE A 85 21.62 -19.15 -2.04
C PHE A 85 22.29 -20.48 -2.35
N GLN A 86 23.12 -20.95 -1.42
CA GLN A 86 23.70 -22.31 -1.48
C GLN A 86 23.55 -22.97 -0.11
N LEU A 87 23.30 -24.28 -0.12
CA LEU A 87 23.36 -25.14 1.08
C LEU A 87 24.67 -25.95 1.00
N VAL A 88 25.61 -25.70 1.91
CA VAL A 88 26.99 -26.25 1.87
C VAL A 88 27.35 -26.85 3.23
N PRO A 89 28.37 -27.73 3.28
CA PRO A 89 28.95 -28.17 4.55
C PRO A 89 29.58 -26.97 5.32
N ARG A 90 29.27 -26.90 6.63
CA ARG A 90 29.51 -25.75 7.53
C ARG A 90 30.97 -25.27 7.43
N GLU A 91 31.92 -26.19 7.20
CA GLU A 91 33.37 -25.84 7.12
C GLU A 91 33.82 -25.81 5.64
N GLU A 92 32.90 -25.79 4.68
CA GLU A 92 33.23 -25.62 3.24
C GLU A 92 32.39 -24.46 2.68
N LEU A 93 32.36 -23.34 3.41
CA LEU A 93 31.77 -22.05 2.99
C LEU A 93 32.40 -21.65 1.67
N PRO A 94 31.60 -21.32 0.62
CA PRO A 94 32.16 -20.75 -0.58
C PRO A 94 32.72 -19.36 -0.27
N ARG A 95 33.62 -18.87 -1.13
CA ARG A 95 34.08 -17.47 -1.13
C ARG A 95 32.86 -16.57 -1.36
N HIS A 96 32.78 -15.44 -0.66
CA HIS A 96 31.72 -14.43 -0.83
C HIS A 96 30.38 -14.95 -0.27
N ALA A 97 30.42 -15.85 0.71
CA ALA A 97 29.26 -16.20 1.56
C ALA A 97 29.08 -15.08 2.58
N HIS A 98 28.17 -14.13 2.33
CA HIS A 98 28.08 -12.87 3.13
C HIS A 98 27.08 -12.99 4.28
N LEU A 99 26.15 -13.95 4.21
CA LEU A 99 25.20 -14.24 5.31
C LEU A 99 24.99 -15.75 5.39
N ARG A 100 25.10 -16.31 6.61
CA ARG A 100 25.01 -17.76 6.86
C ARG A 100 24.04 -18.07 8.00
N PHE A 101 23.27 -19.14 7.79
CA PHE A 101 22.35 -19.77 8.77
C PHE A 101 22.84 -21.19 8.94
N TYR A 102 23.04 -21.62 10.18
CA TYR A 102 23.71 -22.92 10.50
C TYR A 102 22.68 -23.93 11.03
N THR A 103 22.71 -25.13 10.47
CA THR A 103 21.82 -26.23 10.92
C THR A 103 22.20 -26.57 12.36
N ALA A 104 21.23 -26.97 13.15
CA ALA A 104 21.51 -27.40 14.48
C ALA A 104 21.73 -28.90 14.43
N PRO A 105 22.36 -29.45 15.45
CA PRO A 105 22.58 -30.88 15.50
C PRO A 105 21.29 -31.57 15.81
N PRO A 106 21.12 -32.78 15.34
CA PRO A 106 22.15 -33.73 14.96
C PRO A 106 22.23 -33.81 13.44
N GLY A 107 23.15 -34.61 12.95
CA GLY A 107 23.31 -34.77 11.53
C GLY A 107 24.46 -33.95 11.04
N PRO A 108 24.65 -33.93 9.73
CA PRO A 108 25.73 -33.16 9.16
C PRO A 108 25.43 -31.70 9.29
N ARG A 109 26.43 -30.99 9.75
CA ARG A 109 26.40 -29.53 9.99
C ARG A 109 26.45 -28.79 8.64
N LEU A 110 25.33 -28.20 8.23
CA LEU A 110 25.23 -27.45 6.96
C LEU A 110 25.17 -25.96 7.26
N ALA A 111 25.42 -25.15 6.24
CA ALA A 111 25.25 -23.69 6.25
C ALA A 111 24.42 -23.31 5.01
N LEU A 112 23.30 -22.62 5.22
CA LEU A 112 22.57 -21.89 4.16
C LEU A 112 23.25 -20.52 4.01
N CYS A 113 23.74 -20.22 2.82
CA CYS A 113 24.57 -19.01 2.55
C CYS A 113 23.94 -18.16 1.47
N PHE A 114 23.79 -16.86 1.74
CA PHE A 114 23.63 -15.82 0.70
C PHE A 114 25.04 -15.56 0.15
N VAL A 115 25.30 -16.00 -1.08
CA VAL A 115 26.59 -15.86 -1.80
C VAL A 115 26.44 -14.77 -2.85
N ASP A 116 27.36 -13.80 -2.86
CA ASP A 116 27.30 -12.60 -3.72
C ASP A 116 28.73 -12.11 -4.02
N ILE A 117 29.27 -12.57 -5.15
CA ILE A 117 30.66 -12.28 -5.60
C ILE A 117 30.87 -10.76 -5.62
N ARG A 118 30.01 -10.02 -6.32
CA ARG A 118 30.25 -8.59 -6.65
C ARG A 118 29.68 -7.68 -5.54
N ARG A 119 28.81 -8.22 -4.68
CA ARG A 119 28.25 -7.51 -3.49
C ARG A 119 27.35 -6.35 -3.94
N PHE A 120 26.73 -6.47 -5.11
CA PHE A 120 25.66 -5.54 -5.58
C PHE A 120 24.36 -5.85 -4.83
N GLY A 121 24.24 -7.07 -4.30
CA GLY A 121 23.07 -7.52 -3.54
C GLY A 121 22.93 -6.76 -2.23
N ARG A 122 21.69 -6.69 -1.74
CA ARG A 122 21.31 -5.99 -0.48
C ARG A 122 20.35 -6.89 0.29
N TRP A 123 20.28 -6.74 1.61
CA TRP A 123 19.14 -7.24 2.43
C TRP A 123 18.75 -6.17 3.44
N ASP A 124 17.48 -6.19 3.84
CA ASP A 124 16.91 -5.28 4.86
C ASP A 124 16.21 -6.11 5.93
N LEU A 125 16.28 -5.62 7.17
CA LEU A 125 15.43 -6.07 8.30
C LEU A 125 13.99 -5.61 8.05
N GLY A 126 13.03 -6.48 8.34
CA GLY A 126 11.62 -6.27 7.97
C GLY A 126 11.29 -7.13 6.76
N GLY A 127 10.04 -7.52 6.62
CA GLY A 127 9.57 -8.30 5.47
C GLY A 127 9.02 -7.44 4.37
N LYS A 128 9.17 -6.11 4.44
CA LYS A 128 8.52 -5.23 3.45
C LYS A 128 9.25 -5.36 2.10
N TRP A 129 8.48 -5.55 1.04
CA TRP A 129 8.93 -5.38 -0.35
C TRP A 129 9.34 -3.91 -0.55
N GLN A 130 10.23 -3.63 -1.48
CA GLN A 130 10.71 -2.25 -1.73
C GLN A 130 9.52 -1.40 -2.15
N PRO A 131 9.24 -0.27 -1.46
CA PRO A 131 8.14 0.60 -1.88
C PRO A 131 8.41 1.12 -3.29
N GLY A 132 7.37 1.18 -4.14
CA GLY A 132 7.52 1.66 -5.52
C GLY A 132 7.79 0.54 -6.51
N ARG A 133 8.32 -0.59 -6.07
CA ARG A 133 8.40 -1.81 -6.93
C ARG A 133 6.98 -2.26 -7.28
N GLY A 134 6.69 -2.45 -8.57
CA GLY A 134 5.38 -2.91 -9.05
C GLY A 134 5.11 -4.38 -8.70
N PRO A 135 3.92 -4.90 -9.02
CA PRO A 135 3.60 -6.30 -8.78
C PRO A 135 4.51 -7.26 -9.57
N CYS A 136 4.73 -8.44 -9.02
CA CYS A 136 5.52 -9.53 -9.60
C CYS A 136 4.90 -9.97 -10.94
N VAL A 137 5.69 -9.93 -12.02
CA VAL A 137 5.22 -10.41 -13.35
C VAL A 137 4.91 -11.90 -13.34
N LEU A 138 5.50 -12.68 -12.43
CA LEU A 138 5.22 -14.16 -12.35
C LEU A 138 3.98 -14.44 -11.48
N GLN A 139 3.90 -13.89 -10.29
CA GLN A 139 2.98 -14.38 -9.25
C GLN A 139 1.81 -13.42 -9.09
N GLU A 140 1.82 -12.25 -9.73
CA GLU A 140 0.80 -11.18 -9.55
C GLU A 140 0.49 -10.58 -10.92
N TYR A 141 0.26 -11.42 -11.93
CA TYR A 141 0.19 -11.00 -13.36
C TYR A 141 -0.92 -9.95 -13.54
N GLN A 142 -2.08 -10.18 -12.97
CA GLN A 142 -3.26 -9.33 -13.25
C GLN A 142 -3.01 -7.95 -12.63
N GLN A 143 -2.47 -7.91 -11.43
CA GLN A 143 -2.11 -6.64 -10.75
C GLN A 143 -1.01 -5.93 -11.55
N PHE A 144 -0.01 -6.66 -12.04
CA PHE A 144 1.09 -6.13 -12.87
C PHE A 144 0.51 -5.47 -14.12
N ARG A 145 -0.36 -6.19 -14.83
CA ARG A 145 -0.93 -5.75 -16.13
C ARG A 145 -1.74 -4.45 -15.91
N GLU A 146 -2.59 -4.43 -14.88
CA GLU A 146 -3.46 -3.28 -14.54
C GLU A 146 -2.57 -2.10 -14.13
N ASN A 147 -1.49 -2.34 -13.36
CA ASN A 147 -0.61 -1.26 -12.86
C ASN A 147 0.04 -0.55 -14.05
N VAL A 148 0.43 -1.28 -15.10
CA VAL A 148 0.98 -0.66 -16.34
C VAL A 148 -0.14 0.13 -17.03
N LEU A 149 -1.24 -0.52 -17.42
CA LEU A 149 -2.28 0.05 -18.30
C LEU A 149 -2.95 1.27 -17.67
N ARG A 150 -3.00 1.37 -16.33
CA ARG A 150 -3.63 2.52 -15.61
C ARG A 150 -2.64 3.67 -15.43
N ASN A 151 -1.37 3.54 -15.85
CA ASN A 151 -0.33 4.59 -15.63
C ASN A 151 0.47 4.88 -16.89
N LEU A 152 -0.12 4.78 -18.07
CA LEU A 152 0.60 5.04 -19.35
C LEU A 152 0.98 6.53 -19.48
N ALA A 153 0.38 7.43 -18.71
CA ALA A 153 0.74 8.87 -18.69
C ALA A 153 2.13 9.05 -18.08
N ASP A 154 2.52 8.18 -17.15
CA ASP A 154 3.85 8.23 -16.48
C ASP A 154 4.94 8.49 -17.53
N LYS A 155 5.93 9.33 -17.21
CA LYS A 155 6.99 9.75 -18.15
C LYS A 155 7.92 8.56 -18.42
N ALA A 156 7.87 7.53 -17.58
CA ALA A 156 8.57 6.25 -17.84
C ALA A 156 8.20 5.69 -19.21
N PHE A 157 6.98 5.89 -19.69
CA PHE A 157 6.48 5.32 -20.98
C PHE A 157 6.81 6.23 -22.15
N ASP A 158 7.46 7.38 -21.92
CA ASP A 158 8.02 8.25 -22.99
C ASP A 158 9.24 7.58 -23.62
N ARG A 159 9.94 6.73 -22.87
CA ARG A 159 11.24 6.14 -23.23
C ARG A 159 11.02 4.96 -24.19
N PRO A 160 12.09 4.51 -24.88
CA PRO A 160 12.03 3.26 -25.64
C PRO A 160 11.47 2.08 -24.83
N ILE A 161 10.72 1.21 -25.49
CA ILE A 161 10.10 0.04 -24.82
C ILE A 161 11.21 -0.77 -24.14
N CYS A 162 12.38 -0.97 -24.77
CA CYS A 162 13.48 -1.79 -24.17
C CYS A 162 13.90 -1.20 -22.81
N GLU A 163 13.86 0.12 -22.64
CA GLU A 163 14.26 0.80 -21.38
C GLU A 163 13.13 0.74 -20.36
N ALA A 164 11.89 0.94 -20.80
CA ALA A 164 10.69 0.89 -19.93
C ALA A 164 10.58 -0.49 -19.29
N LEU A 165 10.93 -1.55 -20.02
CA LEU A 165 10.85 -2.97 -19.55
C LEU A 165 11.79 -3.22 -18.36
N LEU A 166 12.82 -2.38 -18.13
CA LEU A 166 13.76 -2.54 -16.99
C LEU A 166 13.29 -1.72 -15.79
N ASP A 167 12.26 -0.89 -15.96
CA ASP A 167 11.76 0.00 -14.88
C ASP A 167 10.97 -0.84 -13.88
N GLN A 168 11.48 -1.03 -12.66
CA GLN A 168 10.97 -2.04 -11.70
C GLN A 168 9.69 -1.56 -11.02
N ARG A 169 9.33 -0.28 -11.17
CA ARG A 169 8.01 0.24 -10.73
C ARG A 169 6.89 -0.43 -11.54
N PHE A 170 7.16 -0.84 -12.78
CA PHE A 170 6.14 -1.35 -13.74
C PHE A 170 6.40 -2.80 -14.16
N PHE A 171 7.66 -3.24 -14.21
CA PHE A 171 8.04 -4.60 -14.71
C PHE A 171 8.95 -5.31 -13.71
N ASN A 172 8.49 -5.39 -12.46
CA ASN A 172 9.23 -6.01 -11.33
C ASN A 172 9.57 -7.45 -11.68
N GLY A 173 10.85 -7.75 -11.92
CA GLY A 173 11.30 -9.12 -12.26
C GLY A 173 11.90 -9.20 -13.65
N ILE A 174 11.67 -8.21 -14.50
CA ILE A 174 12.21 -8.20 -15.88
C ILE A 174 13.63 -7.62 -15.82
N GLY A 175 14.60 -8.39 -16.32
CA GLY A 175 15.98 -7.91 -16.53
C GLY A 175 16.42 -8.02 -17.97
N ASN A 176 17.72 -7.98 -18.18
CA ASN A 176 18.30 -7.70 -19.51
C ASN A 176 18.03 -8.84 -20.49
N TYR A 177 18.28 -10.09 -20.11
CA TYR A 177 18.00 -11.22 -21.04
C TYR A 177 16.48 -11.25 -21.29
N LEU A 178 15.65 -11.08 -20.26
CA LEU A 178 14.17 -11.22 -20.44
C LEU A 178 13.66 -10.17 -21.41
N ARG A 179 14.12 -8.91 -21.35
CA ARG A 179 13.61 -7.85 -22.26
C ARG A 179 13.93 -8.24 -23.70
N ALA A 180 15.12 -8.79 -23.96
CA ALA A 180 15.51 -9.20 -25.31
C ALA A 180 14.60 -10.36 -25.78
N GLU A 181 14.37 -11.34 -24.91
CA GLU A 181 13.60 -12.56 -25.29
C GLU A 181 12.13 -12.19 -25.55
N ILE A 182 11.56 -11.27 -24.76
CA ILE A 182 10.14 -10.86 -24.83
C ILE A 182 9.93 -10.11 -26.16
N LEU A 183 10.73 -9.08 -26.43
CA LEU A 183 10.60 -8.24 -27.64
C LEU A 183 10.84 -9.07 -28.91
N TYR A 184 11.77 -10.02 -28.86
CA TYR A 184 12.09 -10.90 -30.00
C TYR A 184 10.88 -11.79 -30.36
N ARG A 185 10.16 -12.31 -29.38
CA ARG A 185 9.00 -13.21 -29.64
C ARG A 185 7.88 -12.47 -30.40
N LEU A 186 7.70 -11.16 -30.16
CA LEU A 186 6.69 -10.33 -30.88
C LEU A 186 7.35 -9.51 -31.98
N LYS A 187 8.66 -9.64 -32.18
CA LYS A 187 9.42 -8.82 -33.19
C LYS A 187 9.05 -7.35 -33.02
N ILE A 188 9.01 -6.85 -31.78
CA ILE A 188 8.81 -5.41 -31.47
C ILE A 188 10.18 -4.75 -31.47
N PRO A 189 10.44 -3.76 -32.35
CA PRO A 189 11.68 -3.00 -32.31
C PRO A 189 11.92 -2.46 -30.90
N PRO A 190 13.14 -2.67 -30.33
CA PRO A 190 13.42 -2.28 -28.96
C PRO A 190 13.36 -0.77 -28.71
N PHE A 191 13.50 0.04 -29.76
CA PHE A 191 13.50 1.53 -29.67
C PHE A 191 12.21 2.09 -30.27
N GLU A 192 11.17 1.27 -30.31
CA GLU A 192 9.77 1.72 -30.38
C GLU A 192 9.46 2.45 -29.06
N LYS A 193 8.65 3.49 -29.08
CA LYS A 193 8.17 4.18 -27.85
C LYS A 193 7.27 3.22 -27.07
N ALA A 194 7.53 3.07 -25.77
CA ALA A 194 6.80 2.19 -24.83
C ALA A 194 5.30 2.51 -24.87
N ARG A 195 4.91 3.79 -24.76
CA ARG A 195 3.48 4.20 -24.71
C ARG A 195 2.77 3.73 -25.99
N SER A 196 3.41 3.81 -27.15
CA SER A 196 2.84 3.37 -28.46
C SER A 196 2.57 1.86 -28.45
N VAL A 197 3.45 1.05 -27.87
CA VAL A 197 3.29 -0.43 -27.86
C VAL A 197 2.22 -0.80 -26.84
N LEU A 198 2.08 -0.02 -25.76
CA LEU A 198 1.17 -0.34 -24.64
C LEU A 198 -0.26 0.20 -24.90
N GLU A 199 -0.40 1.40 -25.46
CA GLU A 199 -1.70 1.94 -25.97
C GLU A 199 -2.29 0.94 -26.98
N ALA A 200 -1.45 0.41 -27.89
CA ALA A 200 -1.85 -0.53 -28.96
C ALA A 200 -2.50 -1.81 -28.36
N LEU A 201 -2.25 -2.15 -27.10
CA LEU A 201 -2.82 -3.40 -26.51
C LEU A 201 -3.83 -3.12 -25.39
N GLN A 202 -4.21 -1.89 -25.08
CA GLN A 202 -5.12 -1.61 -23.91
C GLN A 202 -6.36 -2.53 -24.00
N ASN A 222 -3.94 -14.60 -29.50
CA ASN A 222 -3.09 -13.38 -29.58
C ASN A 222 -2.57 -13.03 -28.18
N PRO A 223 -1.39 -13.56 -27.77
CA PRO A 223 -0.66 -13.07 -26.59
C PRO A 223 0.13 -11.78 -26.92
N ASP A 224 -0.08 -10.72 -26.14
CA ASP A 224 0.53 -9.37 -26.30
C ASP A 224 1.75 -9.22 -25.37
N LEU A 225 2.37 -8.04 -25.41
CA LEU A 225 3.64 -7.74 -24.71
C LEU A 225 3.50 -7.97 -23.20
N LEU A 226 2.41 -7.49 -22.57
CA LEU A 226 2.25 -7.62 -21.11
C LEU A 226 2.07 -9.10 -20.76
N GLU A 227 1.40 -9.87 -21.61
CA GLU A 227 1.22 -11.31 -21.32
C GLU A 227 2.60 -12.05 -21.39
N LEU A 228 3.44 -11.71 -22.37
CA LEU A 228 4.76 -12.36 -22.52
C LEU A 228 5.68 -11.95 -21.36
N CYS A 229 5.43 -10.80 -20.72
CA CYS A 229 6.19 -10.36 -19.53
C CYS A 229 5.97 -11.38 -18.40
N HIS A 230 4.89 -12.12 -18.48
CA HIS A 230 4.55 -13.22 -17.55
C HIS A 230 5.00 -14.56 -18.14
N SER A 231 4.54 -14.92 -19.33
CA SER A 231 4.68 -16.31 -19.84
C SER A 231 6.16 -16.61 -20.17
N VAL A 232 6.93 -15.62 -20.57
CA VAL A 232 8.35 -15.85 -20.97
C VAL A 232 9.16 -16.19 -19.73
N PRO A 233 9.21 -15.32 -18.70
CA PRO A 233 9.90 -15.68 -17.46
C PRO A 233 9.38 -16.98 -16.84
N LYS A 234 8.10 -17.28 -17.01
CA LYS A 234 7.50 -18.55 -16.51
C LYS A 234 8.16 -19.74 -17.19
N GLU A 235 8.47 -19.66 -18.48
CA GLU A 235 9.17 -20.74 -19.21
C GLU A 235 10.52 -21.02 -18.52
N VAL A 236 11.26 -19.98 -18.10
CA VAL A 236 12.58 -20.14 -17.44
C VAL A 236 12.38 -20.91 -16.13
N VAL A 237 11.35 -20.55 -15.35
CA VAL A 237 10.99 -21.26 -14.09
C VAL A 237 10.69 -22.72 -14.39
N GLN A 238 10.00 -23.01 -15.49
CA GLN A 238 9.54 -24.38 -15.83
C GLN A 238 10.72 -25.23 -16.27
N LEU A 239 11.71 -24.60 -16.92
CA LEU A 239 13.00 -25.23 -17.28
C LEU A 239 13.65 -25.76 -16.00
N GLY A 240 13.55 -25.00 -14.92
CA GLY A 240 14.30 -25.23 -13.68
C GLY A 240 15.75 -24.82 -13.83
N GLY A 241 16.61 -25.30 -12.93
CA GLY A 241 18.06 -25.05 -12.98
C GLY A 241 18.40 -23.65 -12.51
N ARG A 242 19.16 -22.91 -13.33
CA ARG A 242 19.75 -21.58 -13.05
C ARG A 242 20.55 -21.62 -11.74
N GLY A 243 21.19 -22.75 -11.44
CA GLY A 243 22.04 -22.96 -10.24
C GLY A 243 21.29 -23.66 -9.11
N TYR A 244 20.01 -23.97 -9.31
CA TYR A 244 19.08 -24.48 -8.26
C TYR A 244 18.54 -25.86 -8.65
N GLY A 245 19.03 -26.45 -9.75
CA GLY A 245 18.50 -27.72 -10.28
C GLY A 245 19.12 -28.96 -9.63
N SER A 246 18.53 -30.12 -9.91
CA SER A 246 19.04 -31.47 -9.55
C SER A 246 20.27 -31.79 -10.40
N GLU A 247 20.36 -31.18 -11.59
CA GLU A 247 21.46 -31.37 -12.59
C GLU A 247 22.61 -30.42 -12.25
N SER A 248 23.82 -30.77 -12.67
CA SER A 248 25.08 -30.00 -12.51
C SER A 248 24.92 -28.56 -13.02
N GLY A 249 25.88 -27.69 -12.70
CA GLY A 249 25.98 -26.32 -13.23
C GLY A 249 26.15 -26.32 -14.74
N GLU A 250 26.76 -27.37 -15.31
CA GLU A 250 27.01 -27.49 -16.77
C GLU A 250 25.68 -27.78 -17.48
N GLU A 251 24.86 -28.66 -16.91
CA GLU A 251 23.62 -29.18 -17.55
C GLU A 251 22.56 -28.07 -17.54
N ASP A 252 22.45 -27.37 -16.41
CA ASP A 252 21.54 -26.22 -16.18
C ASP A 252 21.94 -25.08 -17.15
N PHE A 253 23.25 -24.88 -17.33
CA PHE A 253 23.76 -23.78 -18.18
C PHE A 253 23.46 -24.09 -19.65
N ALA A 254 23.61 -25.35 -20.09
CA ALA A 254 23.33 -25.80 -21.47
C ALA A 254 21.83 -25.66 -21.76
N ALA A 255 20.96 -26.02 -20.82
CA ALA A 255 19.48 -26.02 -20.98
C ALA A 255 19.00 -24.58 -21.16
N PHE A 256 19.55 -23.65 -20.39
CA PHE A 256 19.23 -22.21 -20.47
C PHE A 256 19.68 -21.64 -21.82
N ARG A 257 20.91 -21.91 -22.23
CA ARG A 257 21.51 -21.36 -23.48
C ARG A 257 20.75 -21.90 -24.71
N ALA A 258 20.28 -23.14 -24.65
CA ALA A 258 19.42 -23.79 -25.66
C ALA A 258 18.05 -23.07 -25.74
N TRP A 259 17.55 -22.51 -24.63
CA TRP A 259 16.23 -21.86 -24.53
C TRP A 259 16.28 -20.44 -25.11
N LEU A 260 17.40 -19.73 -24.91
CA LEU A 260 17.58 -18.34 -25.42
C LEU A 260 17.48 -18.38 -26.95
N ARG A 261 16.72 -17.45 -27.54
CA ARG A 261 16.60 -17.28 -28.99
C ARG A 261 17.33 -16.02 -29.45
N CYS A 262 17.47 -15.02 -28.59
CA CYS A 262 17.92 -13.66 -29.01
C CYS A 262 19.16 -13.22 -28.22
N TYR A 263 19.07 -13.17 -26.89
CA TYR A 263 20.12 -12.55 -26.02
C TYR A 263 21.47 -13.22 -26.32
N GLY A 264 22.41 -12.44 -26.84
CA GLY A 264 23.80 -12.87 -27.10
C GLY A 264 23.94 -13.80 -28.29
N MET A 265 22.88 -14.05 -29.06
CA MET A 265 22.86 -15.15 -30.06
C MET A 265 23.48 -14.69 -31.38
N PRO A 266 24.19 -15.58 -32.09
CA PRO A 266 24.81 -15.20 -33.36
C PRO A 266 23.70 -14.81 -34.36
N GLY A 267 23.99 -13.84 -35.24
CA GLY A 267 23.04 -13.28 -36.23
C GLY A 267 22.16 -12.19 -35.65
N MET A 268 22.20 -11.95 -34.34
CA MET A 268 21.41 -10.86 -33.70
C MET A 268 22.24 -9.57 -33.69
N SER A 269 21.55 -8.44 -33.75
CA SER A 269 22.10 -7.08 -33.56
C SER A 269 22.13 -6.79 -32.06
N SER A 270 22.93 -5.81 -31.65
CA SER A 270 22.98 -5.31 -30.25
C SER A 270 23.25 -3.80 -30.28
N LEU A 271 22.63 -3.06 -29.37
CA LEU A 271 22.89 -1.62 -29.14
C LEU A 271 22.93 -1.38 -27.63
N GLN A 272 23.54 -0.26 -27.23
CA GLN A 272 23.49 0.31 -25.86
C GLN A 272 22.25 1.20 -25.73
N ASP A 273 21.46 0.99 -24.69
CA ASP A 273 20.40 1.93 -24.28
C ASP A 273 21.07 3.11 -23.58
N ARG A 274 20.28 4.09 -23.13
CA ARG A 274 20.79 5.37 -22.60
C ARG A 274 21.51 5.15 -21.25
N HIS A 275 21.36 4.01 -20.60
CA HIS A 275 22.09 3.68 -19.33
C HIS A 275 23.25 2.73 -19.62
N GLY A 276 23.60 2.53 -20.89
CA GLY A 276 24.72 1.68 -21.33
C GLY A 276 24.48 0.20 -21.12
N ARG A 277 23.22 -0.25 -20.99
CA ARG A 277 22.84 -1.68 -20.93
C ARG A 277 22.59 -2.19 -22.36
N THR A 278 23.14 -3.35 -22.71
CA THR A 278 23.09 -3.91 -24.07
C THR A 278 21.73 -4.55 -24.31
N ILE A 279 21.00 -4.07 -25.33
CA ILE A 279 19.73 -4.69 -25.81
C ILE A 279 20.06 -5.51 -27.05
N TRP A 280 19.71 -6.81 -27.04
CA TRP A 280 19.82 -7.72 -28.19
C TRP A 280 18.48 -7.79 -28.94
N PHE A 281 18.53 -7.85 -30.27
CA PHE A 281 17.33 -7.83 -31.13
C PHE A 281 17.67 -8.28 -32.55
N GLN A 282 16.62 -8.49 -33.34
CA GLN A 282 16.71 -8.86 -34.78
C GLN A 282 16.01 -7.77 -35.58
N GLY A 283 16.66 -7.34 -36.65
CA GLY A 283 16.07 -6.43 -37.65
C GLY A 283 16.06 -5.00 -37.16
N ASP A 284 14.89 -4.37 -37.29
CA ASP A 284 14.65 -2.92 -37.11
C ASP A 284 15.01 -2.57 -35.67
N PRO A 285 15.95 -1.63 -35.46
CA PRO A 285 16.20 -1.10 -34.12
C PRO A 285 15.01 -0.29 -33.56
N GLY A 286 14.26 0.39 -34.42
CA GLY A 286 13.07 1.16 -34.04
C GLY A 286 13.37 2.66 -34.03
N PRO A 287 12.33 3.52 -33.96
CA PRO A 287 12.50 4.96 -34.17
C PRO A 287 13.40 5.74 -33.17
N LEU A 288 13.43 5.39 -31.89
CA LEU A 288 14.18 6.18 -30.85
C LEU A 288 15.61 5.65 -30.68
N ALA A 289 16.16 4.97 -31.70
CA ALA A 289 17.47 4.29 -31.63
C ALA A 289 18.58 5.33 -31.55
N PRO A 290 19.64 5.09 -30.74
CA PRO A 290 20.82 5.95 -30.77
C PRO A 290 21.62 5.68 -32.04
N GLY D 2 -18.69 -16.40 3.30
CA GLY D 2 -17.78 -16.27 2.18
C GLY D 2 -16.54 -17.13 2.35
N GLN D 3 -15.85 -17.40 1.24
CA GLN D 3 -14.54 -18.07 1.20
C GLN D 3 -13.51 -17.03 0.77
N GLY D 4 -12.25 -17.46 0.57
CA GLY D 4 -11.13 -16.56 0.25
C GLY D 4 -11.51 -15.56 -0.83
N PRO D 5 -12.10 -15.98 -1.96
CA PRO D 5 -12.40 -15.02 -3.03
C PRO D 5 -13.36 -13.91 -2.57
N GLU D 6 -14.37 -14.26 -1.76
CA GLU D 6 -15.44 -13.31 -1.35
C GLU D 6 -14.84 -12.30 -0.35
N LEU D 7 -14.04 -12.76 0.61
CA LEU D 7 -13.31 -11.92 1.57
C LEU D 7 -12.37 -10.96 0.81
N HIS D 8 -11.62 -11.47 -0.17
CA HIS D 8 -10.68 -10.67 -0.98
C HIS D 8 -11.48 -9.57 -1.71
N LEU D 9 -12.56 -9.95 -2.42
CA LEU D 9 -13.39 -8.99 -3.21
C LEU D 9 -14.03 -7.95 -2.26
N ALA D 10 -14.49 -8.37 -1.09
CA ALA D 10 -15.06 -7.49 -0.04
C ALA D 10 -14.01 -6.44 0.38
N SER D 11 -12.77 -6.87 0.64
CA SER D 11 -11.65 -5.98 1.04
C SER D 11 -11.40 -4.96 -0.09
N GLN D 12 -11.46 -5.37 -1.36
CA GLN D 12 -11.25 -4.48 -2.52
C GLN D 12 -12.38 -3.45 -2.57
N PHE D 13 -13.61 -3.92 -2.29
CA PHE D 13 -14.82 -3.07 -2.31
C PHE D 13 -14.65 -1.96 -1.26
N VAL D 14 -14.32 -2.34 -0.03
CA VAL D 14 -14.17 -1.38 1.08
C VAL D 14 -13.13 -0.31 0.71
N ASN D 15 -11.96 -0.72 0.20
CA ASN D 15 -10.84 0.22 -0.10
C ASN D 15 -11.24 1.14 -1.24
N GLU D 16 -11.92 0.63 -2.28
CA GLU D 16 -12.32 1.44 -3.47
C GLU D 16 -13.40 2.45 -3.05
N ALA D 17 -14.44 1.94 -2.37
CA ALA D 17 -15.65 2.68 -1.99
C ALA D 17 -15.32 3.77 -0.94
N CYS D 18 -14.36 3.52 -0.05
CA CYS D 18 -14.07 4.38 1.13
C CYS D 18 -12.84 5.27 0.88
N ARG D 19 -12.22 5.16 -0.29
CA ARG D 19 -10.94 5.85 -0.59
C ARG D 19 -11.09 7.36 -0.35
N ALA D 20 -12.19 7.94 -0.82
CA ALA D 20 -12.44 9.40 -0.78
C ALA D 20 -13.48 9.76 0.28
N LEU D 21 -13.77 8.87 1.24
CA LEU D 21 -14.80 9.13 2.28
C LEU D 21 -14.13 9.38 3.63
N VAL D 22 -14.77 10.19 4.47
CA VAL D 22 -14.37 10.45 5.88
C VAL D 22 -15.56 10.10 6.76
N PHE D 23 -15.33 9.25 7.77
CA PHE D 23 -16.36 8.77 8.73
C PHE D 23 -16.25 9.60 10.02
N GLY D 24 -17.39 9.73 10.71
CA GLY D 24 -17.52 10.50 11.97
C GLY D 24 -18.48 9.84 12.94
N GLY D 25 -18.29 10.11 14.23
CA GLY D 25 -19.17 9.61 15.30
C GLY D 25 -18.80 8.20 15.71
N CYS D 26 -19.81 7.42 16.06
CA CYS D 26 -19.68 6.07 16.67
C CYS D 26 -19.81 5.00 15.58
N VAL D 27 -19.38 3.81 15.93
CA VAL D 27 -19.69 2.54 15.21
C VAL D 27 -20.96 1.95 15.84
N GLU D 28 -22.03 1.90 15.06
CA GLU D 28 -23.35 1.40 15.51
C GLU D 28 -23.50 -0.10 15.20
N LYS D 29 -23.79 -0.88 16.24
CA LYS D 29 -24.20 -2.30 16.16
C LYS D 29 -25.73 -2.40 16.13
N SER D 30 -26.30 -3.28 15.32
CA SER D 30 -27.74 -3.61 15.36
C SER D 30 -28.10 -4.09 16.76
N SER D 31 -29.38 -3.97 17.08
CA SER D 31 -29.97 -4.42 18.35
C SER D 31 -29.98 -5.95 18.51
N VAL D 32 -29.79 -6.77 17.47
CA VAL D 32 -29.84 -8.27 17.62
C VAL D 32 -28.42 -8.88 17.62
N SER D 33 -27.37 -8.16 17.21
CA SER D 33 -26.01 -8.75 17.06
C SER D 33 -25.41 -9.09 18.44
N ARG D 34 -24.96 -10.34 18.61
CA ARG D 34 -24.29 -10.84 19.85
C ARG D 34 -22.78 -10.56 19.77
N ASN D 35 -22.29 -10.01 18.67
CA ASN D 35 -20.87 -9.60 18.51
C ASN D 35 -20.62 -8.37 19.39
N PRO D 36 -19.34 -8.06 19.73
CA PRO D 36 -19.03 -7.00 20.68
C PRO D 36 -19.30 -5.58 20.15
N GLU D 37 -19.67 -4.67 21.05
CA GLU D 37 -19.68 -3.21 20.75
C GLU D 37 -18.26 -2.83 20.34
N VAL D 38 -18.16 -1.96 19.32
CA VAL D 38 -16.89 -1.33 18.87
C VAL D 38 -16.73 -0.03 19.65
N PRO D 39 -15.89 0.00 20.70
CA PRO D 39 -15.77 1.16 21.57
C PRO D 39 -14.83 2.15 20.86
N PHE D 40 -15.37 2.93 19.93
CA PHE D 40 -14.62 3.83 19.02
C PHE D 40 -15.55 4.97 18.61
N GLU D 41 -15.08 6.19 18.86
CA GLU D 41 -15.75 7.45 18.43
C GLU D 41 -14.69 8.46 17.97
N SER D 42 -14.88 9.06 16.79
CA SER D 42 -13.95 10.04 16.18
C SER D 42 -14.73 11.01 15.29
N SER D 43 -14.37 12.30 15.33
CA SER D 43 -14.96 13.40 14.50
C SER D 43 -14.64 13.15 13.02
N ALA D 44 -13.54 12.45 12.74
CA ALA D 44 -12.96 12.26 11.39
C ALA D 44 -12.03 11.06 11.36
N TYR D 45 -12.48 9.94 10.78
CA TYR D 45 -11.66 8.72 10.62
C TYR D 45 -11.85 8.14 9.21
N ARG D 46 -10.81 7.40 8.75
CA ARG D 46 -10.80 6.66 7.48
C ARG D 46 -10.87 5.16 7.76
N ILE D 47 -11.48 4.41 6.84
CA ILE D 47 -11.62 2.94 6.88
C ILE D 47 -10.85 2.35 5.70
N SER D 48 -10.00 1.36 5.99
CA SER D 48 -9.28 0.55 4.98
C SER D 48 -9.37 -0.92 5.40
N ALA D 49 -9.12 -1.81 4.46
CA ALA D 49 -9.35 -3.26 4.64
C ALA D 49 -8.20 -4.06 4.05
N SER D 50 -7.90 -5.21 4.62
CA SER D 50 -7.18 -6.29 3.92
C SER D 50 -7.86 -7.61 4.22
N ALA D 51 -7.67 -8.58 3.34
CA ALA D 51 -8.14 -9.97 3.50
C ALA D 51 -6.94 -10.89 3.68
N ARG D 52 -7.11 -11.92 4.49
CA ARG D 52 -6.17 -13.04 4.62
C ARG D 52 -7.00 -14.31 4.83
N GLY D 53 -7.05 -15.15 3.81
CA GLY D 53 -7.91 -16.35 3.82
C GLY D 53 -9.36 -15.97 4.05
N LYS D 54 -9.97 -16.53 5.08
CA LYS D 54 -11.40 -16.34 5.41
C LYS D 54 -11.58 -15.23 6.46
N GLU D 55 -10.61 -14.32 6.58
CA GLU D 55 -10.64 -13.19 7.55
C GLU D 55 -10.47 -11.88 6.78
N LEU D 56 -11.15 -10.84 7.24
CA LEU D 56 -10.97 -9.47 6.71
C LEU D 56 -10.67 -8.55 7.90
N ARG D 57 -9.64 -7.71 7.77
CA ARG D 57 -9.26 -6.74 8.82
C ARG D 57 -9.68 -5.36 8.33
N LEU D 58 -10.52 -4.68 9.12
CA LEU D 58 -10.84 -3.24 8.94
C LEU D 58 -9.92 -2.44 9.85
N ILE D 59 -9.34 -1.35 9.36
CA ILE D 59 -8.58 -0.40 10.23
C ILE D 59 -9.34 0.93 10.25
N LEU D 60 -9.71 1.36 11.46
CA LEU D 60 -10.35 2.66 11.71
C LEU D 60 -9.25 3.62 12.17
N SER D 61 -8.87 4.56 11.31
CA SER D 61 -7.73 5.49 11.50
C SER D 61 -8.23 6.93 11.65
N PRO D 62 -8.30 7.50 12.87
CA PRO D 62 -8.54 8.94 13.04
C PRO D 62 -7.57 9.80 12.22
N LEU D 63 -8.08 10.83 11.55
CA LEU D 63 -7.23 11.88 10.93
C LEU D 63 -6.43 12.59 12.04
N PRO D 64 -5.24 13.14 11.71
CA PRO D 64 -4.51 13.99 12.65
C PRO D 64 -5.42 15.16 13.10
N GLY D 65 -5.57 15.31 14.43
CA GLY D 65 -6.38 16.37 15.06
C GLY D 65 -7.78 15.91 15.47
N ALA D 66 -8.25 14.85 14.83
CA ALA D 66 -9.57 14.28 15.08
C ALA D 66 -9.81 14.14 16.56
N GLN D 67 -11.05 14.33 16.95
CA GLN D 67 -11.42 14.29 18.34
C GLN D 67 -12.36 13.16 18.68
N PRO D 68 -12.12 12.49 19.81
CA PRO D 68 -10.97 12.64 20.68
C PRO D 68 -9.72 11.98 20.14
N GLN D 69 -8.57 12.39 20.68
CA GLN D 69 -7.31 11.84 20.27
C GLN D 69 -7.37 10.37 20.54
N GLN D 70 -6.99 9.59 19.54
CA GLN D 70 -7.10 8.17 19.64
C GLN D 70 -6.20 7.46 18.68
N GLU D 71 -5.70 6.30 19.08
CA GLU D 71 -4.93 5.46 18.15
C GLU D 71 -5.91 4.78 17.20
N PRO D 72 -5.46 4.40 15.99
CA PRO D 72 -6.26 3.56 15.11
C PRO D 72 -6.82 2.35 15.86
N LEU D 73 -8.01 1.89 15.49
CA LEU D 73 -8.57 0.61 15.99
C LEU D 73 -8.75 -0.38 14.83
N ALA D 74 -8.27 -1.60 15.05
CA ALA D 74 -8.40 -2.71 14.08
C ALA D 74 -9.57 -3.62 14.49
N LEU D 75 -10.34 -4.09 13.52
CA LEU D 75 -11.41 -5.11 13.68
C LEU D 75 -11.13 -6.21 12.69
N VAL D 76 -11.21 -7.47 13.11
CA VAL D 76 -11.14 -8.65 12.21
C VAL D 76 -12.53 -9.31 12.13
N PHE D 77 -12.96 -9.61 10.90
CA PHE D 77 -14.27 -10.23 10.54
C PHE D 77 -14.05 -11.64 9.99
N ARG D 78 -14.87 -12.58 10.42
CA ARG D 78 -15.19 -13.84 9.70
C ARG D 78 -16.65 -13.77 9.24
N PHE D 79 -16.91 -14.07 7.97
CA PHE D 79 -18.20 -13.76 7.30
C PHE D 79 -19.24 -14.83 7.60
N GLY D 80 -18.82 -16.03 7.94
CA GLY D 80 -19.76 -17.17 8.09
C GLY D 80 -20.44 -17.49 6.78
N MET D 81 -21.69 -17.90 6.80
CA MET D 81 -22.45 -18.32 5.61
C MET D 81 -22.91 -17.10 4.77
N SER D 82 -23.12 -15.90 5.34
CA SER D 82 -23.84 -14.82 4.63
C SER D 82 -23.27 -13.42 4.91
N GLY D 83 -22.03 -13.29 5.33
CA GLY D 83 -21.41 -11.98 5.56
C GLY D 83 -21.14 -11.23 4.26
N SER D 84 -21.20 -9.89 4.33
CA SER D 84 -20.83 -8.98 3.23
C SER D 84 -20.65 -7.56 3.76
N PHE D 85 -20.08 -6.68 2.94
CA PHE D 85 -20.06 -5.22 3.17
C PHE D 85 -20.89 -4.52 2.09
N GLN D 86 -21.68 -3.52 2.47
CA GLN D 86 -22.41 -2.64 1.53
C GLN D 86 -22.18 -1.19 1.92
N LEU D 87 -22.08 -0.30 0.93
CA LEU D 87 -22.12 1.17 1.09
C LEU D 87 -23.50 1.63 0.63
N VAL D 88 -24.31 2.16 1.54
CA VAL D 88 -25.74 2.54 1.30
C VAL D 88 -26.01 3.94 1.82
N PRO D 89 -27.11 4.58 1.38
CA PRO D 89 -27.58 5.83 2.01
C PRO D 89 -28.02 5.58 3.48
N ARG D 90 -27.53 6.46 4.37
CA ARG D 90 -27.67 6.41 5.85
C ARG D 90 -29.13 6.11 6.26
N GLU D 91 -30.11 6.60 5.49
CA GLU D 91 -31.56 6.38 5.76
C GLU D 91 -32.14 5.22 4.93
N GLU D 92 -31.30 4.39 4.31
CA GLU D 92 -31.75 3.22 3.53
C GLU D 92 -30.86 2.01 3.88
N LEU D 93 -30.67 1.76 5.18
CA LEU D 93 -29.96 0.57 5.71
C LEU D 93 -30.65 -0.70 5.21
N PRO D 94 -29.93 -1.66 4.62
CA PRO D 94 -30.53 -2.95 4.31
C PRO D 94 -30.88 -3.69 5.61
N ARG D 95 -31.76 -4.67 5.48
CA ARG D 95 -32.09 -5.65 6.53
C ARG D 95 -30.79 -6.41 6.87
N HIS D 96 -30.56 -6.69 8.16
CA HIS D 96 -29.42 -7.48 8.64
C HIS D 96 -28.11 -6.70 8.51
N ALA D 97 -28.17 -5.37 8.52
CA ALA D 97 -26.98 -4.51 8.67
C ALA D 97 -26.62 -4.50 10.16
N HIS D 98 -25.64 -5.30 10.58
CA HIS D 98 -25.34 -5.56 12.02
C HIS D 98 -24.24 -4.63 12.56
N LEU D 99 -23.42 -4.05 11.68
CA LEU D 99 -22.43 -3.01 12.08
C LEU D 99 -22.40 -1.91 11.00
N ARG D 100 -22.45 -0.65 11.42
CA ARG D 100 -22.51 0.54 10.51
C ARG D 100 -21.47 1.58 10.92
N PHE D 101 -20.82 2.14 9.91
CA PHE D 101 -19.88 3.27 9.99
C PHE D 101 -20.48 4.38 9.13
N TYR D 102 -20.61 5.58 9.69
CA TYR D 102 -21.34 6.69 9.02
C TYR D 102 -20.36 7.75 8.54
N THR D 103 -20.50 8.16 7.27
CA THR D 103 -19.72 9.27 6.68
C THR D 103 -19.99 10.53 7.50
N ALA D 104 -18.95 11.30 7.78
CA ALA D 104 -19.07 12.51 8.57
C ALA D 104 -19.64 13.64 7.75
N PRO D 105 -20.29 14.57 8.42
CA PRO D 105 -20.92 15.74 7.81
C PRO D 105 -19.85 16.72 7.49
N PRO D 106 -19.93 17.31 6.30
CA PRO D 106 -21.11 17.06 5.48
C PRO D 106 -20.83 16.31 4.19
N GLY D 107 -21.87 16.20 3.39
CA GLY D 107 -21.82 15.53 2.11
C GLY D 107 -22.95 14.53 2.02
N PRO D 108 -22.90 13.63 1.03
CA PRO D 108 -23.94 12.59 0.97
C PRO D 108 -23.79 11.76 2.23
N ARG D 109 -24.85 11.52 2.96
CA ARG D 109 -24.72 10.77 4.23
C ARG D 109 -24.80 9.27 3.91
N LEU D 110 -23.65 8.59 3.93
CA LEU D 110 -23.57 7.16 3.57
C LEU D 110 -23.33 6.36 4.85
N ALA D 111 -23.65 5.07 4.79
CA ALA D 111 -23.33 4.06 5.82
C ALA D 111 -22.56 2.92 5.16
N LEU D 112 -21.39 2.58 5.68
CA LEU D 112 -20.70 1.30 5.39
C LEU D 112 -21.26 0.27 6.37
N CYS D 113 -21.82 -0.83 5.88
CA CYS D 113 -22.53 -1.84 6.71
C CYS D 113 -21.92 -3.23 6.54
N PHE D 114 -21.61 -3.90 7.64
CA PHE D 114 -21.45 -5.38 7.67
C PHE D 114 -22.85 -5.99 7.69
N VAL D 115 -23.25 -6.61 6.58
CA VAL D 115 -24.59 -7.25 6.37
C VAL D 115 -24.41 -8.76 6.47
N ASP D 116 -25.23 -9.41 7.30
CA ASP D 116 -25.11 -10.85 7.64
C ASP D 116 -26.48 -11.41 7.97
N ILE D 117 -27.15 -11.98 6.97
CA ILE D 117 -28.53 -12.51 7.07
C ILE D 117 -28.59 -13.51 8.23
N ARG D 118 -27.72 -14.52 8.25
CA ARG D 118 -27.86 -15.67 9.16
C ARG D 118 -27.11 -15.44 10.48
N ARG D 119 -26.26 -14.41 10.53
CA ARG D 119 -25.55 -13.95 11.76
C ARG D 119 -24.57 -15.02 12.26
N PHE D 120 -24.05 -15.85 11.36
CA PHE D 120 -22.96 -16.81 11.63
C PHE D 120 -21.62 -16.05 11.61
N GLY D 121 -21.60 -14.84 11.06
CA GLY D 121 -20.38 -13.99 11.03
C GLY D 121 -20.01 -13.51 12.41
N ARG D 122 -18.73 -13.22 12.63
CA ARG D 122 -18.18 -12.76 13.93
C ARG D 122 -17.21 -11.61 13.64
N TRP D 123 -17.04 -10.71 14.60
CA TRP D 123 -15.89 -9.75 14.58
C TRP D 123 -15.28 -9.69 15.97
N ASP D 124 -14.00 -9.38 16.04
CA ASP D 124 -13.22 -9.21 17.31
C ASP D 124 -12.49 -7.87 17.26
N LEU D 125 -12.40 -7.22 18.41
CA LEU D 125 -11.52 -6.05 18.64
C LEU D 125 -10.06 -6.50 18.60
N GLY D 126 -9.19 -5.73 17.97
CA GLY D 126 -7.79 -6.08 17.75
C GLY D 126 -7.59 -6.53 16.32
N GLY D 127 -6.41 -6.33 15.77
CA GLY D 127 -6.16 -6.60 14.34
C GLY D 127 -5.49 -7.94 14.11
N LYS D 128 -5.35 -8.77 15.14
CA LYS D 128 -4.64 -10.06 14.99
C LYS D 128 -5.50 -11.00 14.12
N TRP D 129 -4.86 -11.63 13.14
CA TRP D 129 -5.40 -12.83 12.45
C TRP D 129 -5.58 -13.94 13.48
N GLN D 130 -6.52 -14.84 13.24
CA GLN D 130 -6.80 -15.93 14.20
C GLN D 130 -5.54 -16.79 14.33
N PRO D 131 -5.04 -17.01 15.56
CA PRO D 131 -3.88 -17.88 15.74
C PRO D 131 -4.22 -19.29 15.24
N GLY D 132 -3.28 -19.96 14.61
CA GLY D 132 -3.52 -21.30 14.07
C GLY D 132 -3.95 -21.27 12.61
N ARG D 133 -4.50 -20.15 12.12
CA ARG D 133 -4.89 -20.05 10.70
C ARG D 133 -3.60 -20.06 9.87
N GLY D 134 -3.51 -20.91 8.86
CA GLY D 134 -2.36 -20.97 7.93
C GLY D 134 -2.31 -19.76 7.01
N PRO D 135 -1.24 -19.64 6.19
CA PRO D 135 -1.13 -18.55 5.22
C PRO D 135 -2.28 -18.54 4.21
N CYS D 136 -2.63 -17.34 3.73
CA CYS D 136 -3.69 -17.12 2.72
C CYS D 136 -3.30 -17.84 1.41
N VAL D 137 -4.18 -18.72 0.92
CA VAL D 137 -3.98 -19.42 -0.37
C VAL D 137 -3.95 -18.42 -1.53
N LEU D 138 -4.54 -17.23 -1.41
CA LEU D 138 -4.47 -16.22 -2.50
C LEU D 138 -3.20 -15.35 -2.41
N GLN D 139 -2.91 -14.79 -1.24
CA GLN D 139 -1.94 -13.67 -1.15
C GLN D 139 -0.61 -14.16 -0.57
N GLU D 140 -0.52 -15.42 -0.12
CA GLU D 140 0.69 -15.98 0.53
C GLU D 140 0.91 -17.41 0.00
N TYR D 141 0.84 -17.62 -1.32
CA TYR D 141 0.82 -18.98 -1.92
C TYR D 141 2.06 -19.79 -1.52
N GLN D 142 3.25 -19.20 -1.60
CA GLN D 142 4.49 -19.99 -1.40
C GLN D 142 4.57 -20.38 0.07
N GLN D 143 4.20 -19.50 0.99
CA GLN D 143 4.17 -19.85 2.43
C GLN D 143 3.09 -20.90 2.69
N PHE D 144 1.92 -20.79 2.07
CA PHE D 144 0.81 -21.77 2.19
C PHE D 144 1.33 -23.15 1.73
N ARG D 145 1.97 -23.21 0.56
CA ARG D 145 2.38 -24.47 -0.09
C ARG D 145 3.43 -25.15 0.79
N GLU D 146 4.41 -24.39 1.27
CA GLU D 146 5.49 -24.91 2.14
C GLU D 146 4.90 -25.33 3.48
N ASN D 147 3.94 -24.60 4.03
CA ASN D 147 3.33 -24.91 5.35
C ASN D 147 2.62 -26.27 5.26
N VAL D 148 1.98 -26.60 4.15
CA VAL D 148 1.40 -27.96 3.94
C VAL D 148 2.54 -28.98 3.84
N LEU D 149 3.44 -28.85 2.86
CA LEU D 149 4.41 -29.91 2.47
C LEU D 149 5.39 -30.22 3.60
N ARG D 150 5.63 -29.26 4.49
CA ARG D 150 6.61 -29.34 5.61
C ARG D 150 5.91 -29.93 6.84
N ASN D 151 4.59 -30.18 6.83
CA ASN D 151 3.86 -30.67 8.03
C ASN D 151 2.87 -31.79 7.67
N LEU D 152 3.19 -32.64 6.70
CA LEU D 152 2.36 -33.78 6.27
C LEU D 152 2.24 -34.82 7.41
N ALA D 153 3.11 -34.80 8.43
CA ALA D 153 3.01 -35.72 9.59
C ALA D 153 1.79 -35.36 10.44
N ASP D 154 1.41 -34.09 10.48
CA ASP D 154 0.24 -33.60 11.26
C ASP D 154 -0.95 -34.55 11.03
N LYS D 155 -1.71 -34.83 12.09
CA LYS D 155 -2.83 -35.82 12.05
C LYS D 155 -3.97 -35.26 11.20
N ALA D 156 -3.97 -33.96 10.91
CA ALA D 156 -4.91 -33.32 9.97
C ALA D 156 -4.89 -34.05 8.63
N PHE D 157 -3.74 -34.55 8.18
CA PHE D 157 -3.56 -35.17 6.84
C PHE D 157 -3.89 -36.67 6.88
N ASP D 158 -4.29 -37.21 8.03
CA ASP D 158 -4.83 -38.59 8.16
C ASP D 158 -6.21 -38.66 7.49
N ARG D 159 -6.93 -37.54 7.47
CA ARG D 159 -8.37 -37.46 7.09
C ARG D 159 -8.50 -37.47 5.57
N PRO D 160 -9.72 -37.73 5.03
CA PRO D 160 -9.98 -37.56 3.60
C PRO D 160 -9.52 -36.20 3.07
N ILE D 161 -9.03 -36.18 1.84
CA ILE D 161 -8.52 -34.92 1.22
C ILE D 161 -9.65 -33.88 1.25
N CYS D 162 -10.91 -34.24 0.97
CA CYS D 162 -12.02 -33.24 0.91
C CYS D 162 -12.20 -32.59 2.28
N GLU D 163 -11.95 -33.31 3.39
CA GLU D 163 -12.08 -32.75 4.76
C GLU D 163 -10.85 -31.92 5.13
N ALA D 164 -9.65 -32.38 4.77
CA ALA D 164 -8.38 -31.68 5.05
C ALA D 164 -8.39 -30.31 4.35
N LEU D 165 -9.03 -30.19 3.18
CA LEU D 165 -9.10 -28.95 2.40
C LEU D 165 -9.91 -27.87 3.14
N LEU D 166 -10.76 -28.24 4.12
CA LEU D 166 -11.58 -27.30 4.92
C LEU D 166 -10.83 -26.91 6.21
N ASP D 167 -9.70 -27.56 6.51
CA ASP D 167 -8.91 -27.29 7.73
C ASP D 167 -8.13 -25.99 7.54
N GLN D 168 -8.52 -24.93 8.26
CA GLN D 168 -8.05 -23.54 8.00
C GLN D 168 -6.63 -23.34 8.54
N ARG D 169 -6.11 -24.28 9.32
CA ARG D 169 -4.68 -24.28 9.75
C ARG D 169 -3.77 -24.46 8.53
N PHE D 170 -4.25 -25.14 7.47
CA PHE D 170 -3.44 -25.53 6.30
C PHE D 170 -3.97 -24.94 4.99
N PHE D 171 -5.28 -24.71 4.88
CA PHE D 171 -5.96 -24.24 3.64
C PHE D 171 -6.85 -23.03 3.93
N ASN D 172 -6.26 -22.01 4.57
CA ASN D 172 -6.95 -20.77 4.98
C ASN D 172 -7.54 -20.08 3.74
N GLY D 173 -8.88 -20.08 3.60
CA GLY D 173 -9.57 -19.48 2.46
C GLY D 173 -10.39 -20.50 1.70
N ILE D 174 -10.11 -21.79 1.88
CA ILE D 174 -10.79 -22.86 1.10
C ILE D 174 -12.10 -23.21 1.82
N GLY D 175 -13.21 -23.12 1.10
CA GLY D 175 -14.52 -23.59 1.57
C GLY D 175 -15.13 -24.61 0.66
N ASN D 176 -16.43 -24.81 0.81
CA ASN D 176 -17.13 -26.00 0.28
C ASN D 176 -17.14 -26.03 -1.24
N TYR D 177 -17.51 -24.94 -1.90
CA TYR D 177 -17.52 -24.91 -3.38
C TYR D 177 -16.07 -25.06 -3.85
N LEU D 178 -15.10 -24.40 -3.22
CA LEU D 178 -13.69 -24.44 -3.71
C LEU D 178 -13.16 -25.88 -3.65
N ARG D 179 -13.40 -26.64 -2.59
CA ARG D 179 -12.85 -28.01 -2.46
C ARG D 179 -13.44 -28.89 -3.58
N ALA D 180 -14.72 -28.72 -3.91
CA ALA D 180 -15.34 -29.50 -5.01
C ALA D 180 -14.67 -29.13 -6.34
N GLU D 181 -14.47 -27.84 -6.59
CA GLU D 181 -13.96 -27.35 -7.90
C GLU D 181 -12.50 -27.81 -8.07
N ILE D 182 -11.71 -27.77 -7.00
CA ILE D 182 -10.26 -28.12 -7.00
C ILE D 182 -10.13 -29.61 -7.31
N LEU D 183 -10.78 -30.48 -6.53
CA LEU D 183 -10.67 -31.97 -6.68
C LEU D 183 -11.21 -32.43 -8.04
N TYR D 184 -12.26 -31.77 -8.55
CA TYR D 184 -12.86 -32.08 -9.87
C TYR D 184 -11.84 -31.81 -11.00
N ARG D 185 -11.07 -30.73 -10.93
CA ARG D 185 -10.09 -30.37 -11.98
C ARG D 185 -9.02 -31.45 -12.13
N LEU D 186 -8.60 -32.10 -11.03
CA LEU D 186 -7.60 -33.19 -11.06
C LEU D 186 -8.28 -34.56 -10.97
N LYS D 187 -9.61 -34.62 -10.93
CA LYS D 187 -10.37 -35.89 -10.82
C LYS D 187 -9.78 -36.74 -9.68
N ILE D 188 -9.51 -36.12 -8.54
CA ILE D 188 -9.05 -36.81 -7.30
C ILE D 188 -10.29 -37.22 -6.52
N PRO D 189 -10.49 -38.53 -6.24
CA PRO D 189 -11.55 -38.96 -5.33
C PRO D 189 -11.52 -38.17 -4.02
N PRO D 190 -12.66 -37.58 -3.59
CA PRO D 190 -12.70 -36.74 -2.40
C PRO D 190 -12.37 -37.47 -1.09
N PHE D 191 -12.54 -38.79 -1.06
CA PHE D 191 -12.29 -39.63 0.14
C PHE D 191 -11.02 -40.46 -0.04
N GLU D 192 -10.14 -40.00 -0.91
CA GLU D 192 -8.71 -40.37 -0.89
C GLU D 192 -8.08 -39.75 0.36
N LYS D 193 -7.11 -40.43 0.99
CA LYS D 193 -6.37 -39.89 2.16
C LYS D 193 -5.54 -38.68 1.71
N ALA D 194 -5.64 -37.58 2.44
CA ALA D 194 -4.94 -36.29 2.16
C ALA D 194 -3.42 -36.52 2.02
N ARG D 195 -2.81 -37.21 3.00
CA ARG D 195 -1.34 -37.46 3.00
C ARG D 195 -0.92 -38.21 1.74
N SER D 196 -1.72 -39.17 1.26
CA SER D 196 -1.42 -39.97 0.04
C SER D 196 -1.40 -39.07 -1.20
N VAL D 197 -2.32 -38.11 -1.29
CA VAL D 197 -2.41 -37.20 -2.46
C VAL D 197 -1.25 -36.19 -2.41
N LEU D 198 -0.84 -35.79 -1.19
CA LEU D 198 0.15 -34.70 -0.98
C LEU D 198 1.59 -35.26 -1.01
N GLU D 199 1.83 -36.45 -0.46
CA GLU D 199 3.15 -37.16 -0.60
C GLU D 199 3.41 -37.38 -2.10
N ALA D 200 2.39 -37.79 -2.85
CA ALA D 200 2.43 -37.96 -4.33
C ALA D 200 2.42 -36.60 -5.03
N LEU D 201 2.92 -35.53 -4.40
CA LEU D 201 3.38 -34.25 -5.03
C LEU D 201 4.87 -34.10 -4.70
N GLN D 202 5.17 -33.89 -3.41
CA GLN D 202 6.51 -33.55 -2.84
C GLN D 202 7.63 -33.68 -3.89
N PRO D 223 -0.08 -28.63 -13.30
CA PRO D 223 -0.74 -27.92 -12.15
C PRO D 223 -1.24 -28.94 -11.13
N ASP D 224 -0.65 -28.99 -9.94
CA ASP D 224 -0.95 -29.99 -8.88
C ASP D 224 -1.96 -29.40 -7.87
N LEU D 225 -2.35 -30.20 -6.87
CA LEU D 225 -3.44 -29.89 -5.93
C LEU D 225 -3.14 -28.56 -5.19
N LEU D 226 -1.93 -28.37 -4.69
CA LEU D 226 -1.59 -27.16 -3.89
C LEU D 226 -1.61 -25.95 -4.80
N GLU D 227 -1.21 -26.09 -6.05
CA GLU D 227 -1.25 -24.95 -7.01
C GLU D 227 -2.70 -24.55 -7.28
N LEU D 228 -3.60 -25.52 -7.47
CA LEU D 228 -5.02 -25.23 -7.76
C LEU D 228 -5.69 -24.62 -6.52
N CYS D 229 -5.19 -24.87 -5.32
CA CYS D 229 -5.70 -24.25 -4.07
C CYS D 229 -5.51 -22.73 -4.16
N HIS D 230 -4.57 -22.30 -5.00
CA HIS D 230 -4.31 -20.87 -5.27
C HIS D 230 -5.02 -20.45 -6.57
N SER D 231 -4.78 -21.13 -7.68
CA SER D 231 -5.20 -20.63 -9.02
C SER D 231 -6.73 -20.70 -9.15
N VAL D 232 -7.38 -21.67 -8.51
CA VAL D 232 -8.87 -21.83 -8.64
C VAL D 232 -9.55 -20.66 -7.93
N PRO D 233 -9.32 -20.41 -6.64
CA PRO D 233 -9.90 -19.24 -6.00
C PRO D 233 -9.54 -17.93 -6.71
N LYS D 234 -8.34 -17.85 -7.30
CA LYS D 234 -7.91 -16.66 -8.07
C LYS D 234 -8.84 -16.47 -9.28
N GLU D 235 -9.30 -17.53 -9.92
CA GLU D 235 -10.24 -17.43 -11.07
C GLU D 235 -11.51 -16.71 -10.60
N VAL D 236 -12.00 -17.04 -9.39
CA VAL D 236 -13.24 -16.45 -8.83
C VAL D 236 -13.00 -14.94 -8.66
N VAL D 237 -11.82 -14.57 -8.12
CA VAL D 237 -11.44 -13.14 -7.93
C VAL D 237 -11.45 -12.44 -9.29
N GLN D 238 -10.96 -13.09 -10.35
CA GLN D 238 -10.76 -12.46 -11.66
C GLN D 238 -12.12 -12.29 -12.34
N LEU D 239 -13.06 -13.20 -12.09
CA LEU D 239 -14.50 -13.06 -12.48
C LEU D 239 -15.02 -11.72 -11.97
N GLY D 240 -14.66 -11.37 -10.74
CA GLY D 240 -15.17 -10.19 -10.03
C GLY D 240 -16.52 -10.54 -9.47
N GLY D 241 -17.32 -9.53 -9.14
CA GLY D 241 -18.72 -9.72 -8.73
C GLY D 241 -18.80 -10.33 -7.34
N ARG D 242 -19.52 -11.46 -7.21
CA ARG D 242 -19.85 -12.12 -5.91
C ARG D 242 -20.52 -11.10 -4.98
N GLY D 243 -21.35 -10.21 -5.56
CA GLY D 243 -22.13 -9.19 -4.84
C GLY D 243 -21.44 -7.83 -4.81
N TYR D 244 -20.26 -7.73 -5.43
CA TYR D 244 -19.41 -6.51 -5.48
C TYR D 244 -19.26 -6.09 -6.94
N GLU D 250 -26.29 -8.30 -10.18
CA GLU D 250 -26.67 -9.72 -9.95
C GLU D 250 -26.44 -10.54 -11.23
N GLU D 251 -25.79 -9.99 -12.26
CA GLU D 251 -25.18 -10.76 -13.38
C GLU D 251 -23.86 -11.38 -12.92
N ASP D 252 -23.32 -10.93 -11.77
CA ASP D 252 -22.25 -11.62 -11.00
C ASP D 252 -22.71 -13.03 -10.62
N PHE D 253 -23.99 -13.22 -10.28
CA PHE D 253 -24.61 -14.51 -9.90
C PHE D 253 -24.53 -15.49 -11.10
N ALA D 254 -24.94 -15.02 -12.28
CA ALA D 254 -24.98 -15.79 -13.54
C ALA D 254 -23.56 -16.19 -13.95
N ALA D 255 -22.61 -15.26 -13.84
CA ALA D 255 -21.20 -15.43 -14.22
C ALA D 255 -20.56 -16.52 -13.36
N PHE D 256 -20.82 -16.50 -12.05
CA PHE D 256 -20.29 -17.48 -11.08
C PHE D 256 -20.86 -18.87 -11.38
N ARG D 257 -22.16 -18.99 -11.60
CA ARG D 257 -22.85 -20.28 -11.81
C ARG D 257 -22.38 -20.91 -13.13
N ALA D 258 -22.11 -20.08 -14.15
CA ALA D 258 -21.49 -20.49 -15.44
C ALA D 258 -20.07 -21.04 -15.22
N TRP D 259 -19.32 -20.52 -14.22
CA TRP D 259 -17.90 -20.87 -13.95
C TRP D 259 -17.81 -22.21 -13.22
N LEU D 260 -18.77 -22.53 -12.34
CA LEU D 260 -18.79 -23.82 -11.59
C LEU D 260 -18.85 -24.96 -12.61
N ARG D 261 -18.02 -25.99 -12.42
CA ARG D 261 -18.01 -27.21 -13.24
C ARG D 261 -18.58 -28.38 -12.45
N CYS D 262 -18.49 -28.36 -11.13
CA CYS D 262 -18.80 -29.52 -10.26
C CYS D 262 -19.87 -29.18 -9.22
N TYR D 263 -19.60 -28.19 -8.36
CA TYR D 263 -20.43 -27.90 -7.16
C TYR D 263 -21.88 -27.66 -7.61
N GLY D 264 -22.77 -28.55 -7.16
CA GLY D 264 -24.23 -28.46 -7.38
C GLY D 264 -24.64 -28.69 -8.83
N MET D 265 -23.73 -29.17 -9.69
CA MET D 265 -23.98 -29.25 -11.16
C MET D 265 -24.70 -30.55 -11.50
N PRO D 266 -25.64 -30.52 -12.48
CA PRO D 266 -26.38 -31.73 -12.81
C PRO D 266 -25.43 -32.81 -13.32
N GLY D 267 -25.73 -34.08 -13.01
CA GLY D 267 -24.90 -35.25 -13.39
C GLY D 267 -23.74 -35.52 -12.44
N MET D 268 -23.50 -34.64 -11.45
CA MET D 268 -22.45 -34.86 -10.43
C MET D 268 -23.01 -35.67 -9.26
N SER D 269 -22.16 -36.47 -8.61
CA SER D 269 -22.45 -37.17 -7.34
C SER D 269 -22.26 -36.19 -6.18
N SER D 270 -22.87 -36.49 -5.03
CA SER D 270 -22.68 -35.72 -3.76
C SER D 270 -22.76 -36.69 -2.59
N LEU D 271 -21.91 -36.47 -1.58
CA LEU D 271 -21.96 -37.19 -0.29
C LEU D 271 -21.78 -36.18 0.86
N GLN D 272 -22.13 -36.60 2.07
CA GLN D 272 -21.83 -35.90 3.34
C GLN D 272 -20.48 -36.38 3.84
N ASP D 273 -19.58 -35.46 4.18
CA ASP D 273 -18.33 -35.76 4.93
C ASP D 273 -18.71 -35.98 6.39
N ARG D 274 -17.72 -36.23 7.25
CA ARG D 274 -17.96 -36.64 8.66
C ARG D 274 -18.57 -35.49 9.48
N HIS D 275 -18.53 -34.24 9.01
CA HIS D 275 -19.17 -33.08 9.69
C HIS D 275 -20.50 -32.71 9.02
N GLY D 276 -21.00 -33.57 8.13
CA GLY D 276 -22.27 -33.39 7.43
C GLY D 276 -22.24 -32.25 6.42
N ARG D 277 -21.05 -31.86 5.93
CA ARG D 277 -20.90 -30.89 4.81
C ARG D 277 -20.88 -31.65 3.49
N THR D 278 -21.63 -31.18 2.50
CA THR D 278 -21.87 -31.87 1.21
C THR D 278 -20.65 -31.64 0.30
N ILE D 279 -19.98 -32.72 -0.11
CA ILE D 279 -18.89 -32.71 -1.13
C ILE D 279 -19.47 -33.15 -2.47
N TRP D 280 -19.29 -32.33 -3.51
CA TRP D 280 -19.68 -32.63 -4.91
C TRP D 280 -18.47 -33.16 -5.67
N PHE D 281 -18.67 -34.16 -6.53
CA PHE D 281 -17.59 -34.85 -7.29
C PHE D 281 -18.18 -35.65 -8.45
N GLN D 282 -17.29 -36.19 -9.30
CA GLN D 282 -17.59 -37.07 -10.44
C GLN D 282 -16.86 -38.39 -10.21
N GLY D 283 -17.53 -39.52 -10.45
CA GLY D 283 -16.93 -40.85 -10.43
C GLY D 283 -16.66 -41.36 -9.03
N ASP D 284 -15.44 -41.84 -8.81
CA ASP D 284 -14.99 -42.62 -7.62
C ASP D 284 -15.13 -41.74 -6.40
N PRO D 285 -15.91 -42.14 -5.37
CA PRO D 285 -15.92 -41.45 -4.09
C PRO D 285 -14.58 -41.55 -3.33
N GLY D 286 -13.87 -42.67 -3.48
CA GLY D 286 -12.55 -42.88 -2.84
C GLY D 286 -12.65 -43.77 -1.60
N PRO D 287 -11.51 -44.27 -1.08
CA PRO D 287 -11.52 -45.30 -0.05
C PRO D 287 -12.17 -44.96 1.31
N LEU D 288 -12.03 -43.75 1.84
CA LEU D 288 -12.41 -43.46 3.26
C LEU D 288 -13.83 -42.86 3.30
N ALA D 289 -14.69 -43.22 2.34
CA ALA D 289 -16.07 -42.72 2.23
C ALA D 289 -16.92 -43.25 3.38
N PRO D 290 -17.85 -42.45 3.95
CA PRO D 290 -18.77 -42.94 4.97
C PRO D 290 -19.82 -43.89 4.39
N GLY G 2 2.74 31.76 5.76
CA GLY G 2 1.73 30.90 6.38
C GLY G 2 0.34 31.51 6.29
N GLN G 3 -0.66 30.72 6.71
CA GLN G 3 -2.08 31.14 6.82
C GLN G 3 -2.38 31.26 8.29
N GLY G 4 -3.64 31.59 8.62
CA GLY G 4 -4.14 31.74 10.00
C GLY G 4 -3.56 30.70 10.95
N PRO G 5 -3.68 29.40 10.64
CA PRO G 5 -3.22 28.37 11.58
C PRO G 5 -1.72 28.48 11.88
N GLU G 6 -0.90 28.77 10.87
CA GLU G 6 0.58 28.81 10.99
C GLU G 6 0.99 30.01 11.86
N LEU G 7 0.40 31.18 11.58
CA LEU G 7 0.61 32.41 12.39
C LEU G 7 0.22 32.15 13.84
N HIS G 8 -0.94 31.52 14.06
CA HIS G 8 -1.46 31.20 15.41
C HIS G 8 -0.45 30.29 16.13
N LEU G 9 -0.05 29.17 15.48
CA LEU G 9 0.91 28.19 16.06
C LEU G 9 2.25 28.85 16.36
N ALA G 10 2.74 29.73 15.48
CA ALA G 10 3.98 30.51 15.66
C ALA G 10 3.86 31.36 16.95
N SER G 11 2.75 32.07 17.13
CA SER G 11 2.48 32.92 18.32
C SER G 11 2.49 32.05 19.59
N GLN G 12 1.90 30.85 19.53
CA GLN G 12 1.85 29.90 20.68
C GLN G 12 3.28 29.43 20.97
N PHE G 13 4.08 29.17 19.93
CA PHE G 13 5.49 28.71 20.05
C PHE G 13 6.30 29.78 20.78
N VAL G 14 6.20 31.04 20.33
CA VAL G 14 6.98 32.16 20.93
C VAL G 14 6.63 32.26 22.41
N ASN G 15 5.35 32.24 22.78
CA ASN G 15 4.92 32.45 24.19
C ASN G 15 5.38 31.27 25.04
N GLU G 16 5.26 30.03 24.52
CA GLU G 16 5.59 28.78 25.25
C GLU G 16 7.10 28.70 25.49
N ALA G 17 7.92 28.93 24.45
CA ALA G 17 9.40 28.82 24.50
C ALA G 17 10.02 30.05 25.16
N CYS G 18 9.29 31.17 25.25
CA CYS G 18 9.78 32.46 25.79
C CYS G 18 9.24 32.67 27.21
N VAL G 27 18.37 44.23 18.82
CA VAL G 27 17.62 43.41 17.81
C VAL G 27 18.42 43.46 16.49
N GLU G 28 19.02 42.34 16.12
CA GLU G 28 19.95 42.24 14.95
C GLU G 28 19.18 41.80 13.70
N LYS G 29 19.28 42.61 12.63
CA LYS G 29 18.77 42.30 11.27
C LYS G 29 19.92 41.71 10.44
N SER G 30 19.66 40.68 9.64
CA SER G 30 20.58 40.20 8.59
C SER G 30 20.91 41.37 7.64
N SER G 31 22.07 41.34 7.01
CA SER G 31 22.56 42.42 6.12
C SER G 31 21.80 42.42 4.77
N VAL G 32 21.08 41.35 4.43
CA VAL G 32 20.38 41.23 3.11
C VAL G 32 18.89 41.61 3.21
N SER G 33 18.30 41.62 4.41
CA SER G 33 16.87 41.96 4.64
C SER G 33 16.59 43.41 4.27
N ARG G 34 15.56 43.62 3.43
CA ARG G 34 15.09 44.97 3.01
C ARG G 34 14.05 45.50 4.01
N ASN G 35 13.68 44.72 5.04
CA ASN G 35 12.79 45.18 6.14
C ASN G 35 13.57 46.16 7.02
N PRO G 36 12.88 47.01 7.83
CA PRO G 36 13.58 48.06 8.57
C PRO G 36 14.34 47.54 9.81
N GLU G 37 15.41 48.23 10.18
CA GLU G 37 16.14 48.03 11.46
C GLU G 37 15.13 48.23 12.59
N VAL G 38 15.21 47.42 13.65
CA VAL G 38 14.32 47.50 14.85
C VAL G 38 14.98 48.44 15.87
N PRO G 39 14.53 49.71 15.97
CA PRO G 39 15.18 50.67 16.87
C PRO G 39 14.66 50.43 18.28
N PHE G 40 15.27 49.48 19.00
CA PHE G 40 14.92 49.07 20.38
C PHE G 40 16.20 48.69 21.15
N ILE G 47 9.86 38.81 25.47
CA ILE G 47 9.14 38.66 24.17
C ILE G 47 7.82 37.93 24.42
N SER G 48 6.71 38.50 23.93
CA SER G 48 5.36 37.88 23.91
C SER G 48 4.79 38.04 22.50
N ALA G 49 3.79 37.23 22.14
CA ALA G 49 3.22 37.23 20.78
C ALA G 49 1.70 37.09 20.86
N SER G 50 1.01 37.65 19.87
CA SER G 50 -0.37 37.29 19.52
C SER G 50 -0.47 37.21 18.00
N ALA G 51 -1.43 36.45 17.48
CA ALA G 51 -1.74 36.35 16.04
C ALA G 51 -3.14 36.94 15.79
N ARG G 52 -3.38 37.47 14.59
CA ARG G 52 -4.72 37.85 14.07
C ARG G 52 -4.70 37.61 12.57
N GLY G 53 -5.42 36.57 12.12
CA GLY G 53 -5.43 36.15 10.70
C GLY G 53 -4.02 35.87 10.23
N LYS G 54 -3.58 36.54 9.17
CA LYS G 54 -2.24 36.32 8.56
C LYS G 54 -1.17 37.27 9.13
N GLU G 55 -1.39 37.85 10.32
CA GLU G 55 -0.45 38.82 10.96
C GLU G 55 -0.08 38.32 12.36
N LEU G 56 1.15 38.59 12.80
CA LEU G 56 1.61 38.23 14.17
C LEU G 56 2.23 39.49 14.80
N ARG G 57 1.88 39.79 16.05
CA ARG G 57 2.44 40.95 16.80
C ARG G 57 3.39 40.39 17.85
N LEU G 58 4.65 40.83 17.81
CA LEU G 58 5.64 40.61 18.89
C LEU G 58 5.63 41.85 19.79
N ILE G 59 5.61 41.67 21.12
CA ILE G 59 5.83 42.78 22.09
C ILE G 59 7.21 42.59 22.74
N LEU G 60 8.07 43.61 22.65
CA LEU G 60 9.50 43.56 23.07
C LEU G 60 9.56 43.54 24.60
N LEU G 75 7.70 44.53 15.61
CA LEU G 75 6.29 44.88 15.95
C LEU G 75 5.31 43.88 15.33
N VAL G 76 4.84 44.14 14.11
CA VAL G 76 3.86 43.28 13.39
C VAL G 76 4.55 42.63 12.18
N PHE G 77 4.34 41.32 12.02
CA PHE G 77 4.92 40.45 10.97
C PHE G 77 3.80 39.95 10.04
N ARG G 78 4.07 39.97 8.72
CA ARG G 78 3.41 39.09 7.72
C ARG G 78 4.46 38.07 7.27
N PHE G 79 4.10 36.78 7.23
CA PHE G 79 5.06 35.67 7.01
C PHE G 79 5.33 35.48 5.52
N GLY G 80 4.44 35.93 4.63
CA GLY G 80 4.55 35.59 3.20
C GLY G 80 4.53 34.08 2.96
N MET G 81 5.32 33.58 2.01
CA MET G 81 5.37 32.15 1.65
C MET G 81 6.15 31.31 2.68
N SER G 82 7.13 31.85 3.40
CA SER G 82 8.12 31.02 4.14
C SER G 82 8.55 31.62 5.49
N GLY G 83 7.76 32.50 6.09
CA GLY G 83 8.08 33.05 7.41
C GLY G 83 7.94 32.02 8.53
N SER G 84 8.74 32.15 9.58
CA SER G 84 8.67 31.30 10.79
C SER G 84 9.50 31.92 11.92
N PHE G 85 9.30 31.43 13.14
CA PHE G 85 10.13 31.75 14.32
C PHE G 85 10.84 30.47 14.77
N GLN G 86 12.15 30.57 15.07
CA GLN G 86 12.94 29.44 15.63
C GLN G 86 13.73 29.93 16.84
N LEU G 87 13.86 29.08 17.86
CA LEU G 87 14.74 29.28 19.03
C LEU G 87 15.94 28.35 18.85
N VAL G 88 17.13 28.89 18.63
CA VAL G 88 18.36 28.13 18.27
C VAL G 88 19.52 28.54 19.16
N PRO G 89 20.59 27.71 19.23
CA PRO G 89 21.83 28.14 19.88
C PRO G 89 22.47 29.35 19.16
N ARG G 90 22.89 30.36 19.96
CA ARG G 90 23.41 31.67 19.51
C ARG G 90 24.46 31.52 18.39
N GLU G 91 25.25 30.44 18.41
CA GLU G 91 26.33 30.17 17.42
C GLU G 91 25.85 29.17 16.35
N GLU G 92 24.56 28.83 16.31
CA GLU G 92 24.00 27.85 15.34
C GLU G 92 22.78 28.47 14.64
N LEU G 93 22.90 29.73 14.21
CA LEU G 93 21.81 30.48 13.51
C LEU G 93 21.45 29.73 12.23
N PRO G 94 20.16 29.45 11.98
CA PRO G 94 19.79 28.90 10.67
C PRO G 94 20.04 29.93 9.56
N ARG G 95 20.17 29.43 8.33
CA ARG G 95 20.20 30.24 7.09
C ARG G 95 18.88 31.02 7.00
N HIS G 96 18.93 32.27 6.58
CA HIS G 96 17.75 33.13 6.33
C HIS G 96 17.12 33.55 7.65
N ALA G 97 17.89 33.57 8.74
CA ALA G 97 17.51 34.23 10.02
C ALA G 97 17.68 35.74 9.81
N HIS G 98 16.59 36.46 9.52
CA HIS G 98 16.66 37.89 9.08
C HIS G 98 16.51 38.83 10.28
N LEU G 99 15.96 38.37 11.40
CA LEU G 99 15.83 39.19 12.64
C LEU G 99 16.07 38.29 13.85
N ARG G 100 16.92 38.74 14.80
CA ARG G 100 17.43 37.91 15.93
C ARG G 100 17.33 38.68 17.24
N PHE G 101 16.85 38.00 18.28
CA PHE G 101 16.79 38.49 19.68
C PHE G 101 17.61 37.51 20.52
N TYR G 102 18.53 38.01 21.33
CA TYR G 102 19.49 37.18 22.11
C TYR G 102 19.12 37.21 23.60
N THR G 103 19.08 36.02 24.21
CA THR G 103 18.92 35.86 25.68
C THR G 103 20.07 36.59 26.38
N ALA G 104 19.76 37.30 27.47
CA ALA G 104 20.73 37.91 28.41
C ALA G 104 21.50 36.79 29.11
N PRO G 105 22.79 37.01 29.43
CA PRO G 105 23.67 35.91 29.80
C PRO G 105 23.76 35.54 31.28
N PRO G 106 23.40 34.29 31.65
CA PRO G 106 24.12 33.11 31.18
C PRO G 106 23.10 32.26 30.39
N GLY G 107 23.52 31.15 29.76
CA GLY G 107 22.66 30.09 29.23
C GLY G 107 21.44 30.63 28.49
N ALA G 111 19.14 32.19 20.70
CA ALA G 111 18.68 33.26 19.79
C ALA G 111 17.27 32.94 19.27
N LEU G 112 16.31 33.85 19.46
CA LEU G 112 14.99 33.80 18.79
C LEU G 112 15.14 34.48 17.42
N CYS G 113 14.81 33.76 16.34
CA CYS G 113 15.02 34.23 14.95
C CYS G 113 13.70 34.25 14.18
N PHE G 114 13.41 35.36 13.50
CA PHE G 114 12.46 35.39 12.35
C PHE G 114 13.22 34.83 11.14
N VAL G 115 12.85 33.62 10.71
CA VAL G 115 13.46 32.90 9.54
C VAL G 115 12.48 33.02 8.37
N ASP G 116 12.98 33.43 7.20
CA ASP G 116 12.18 33.65 5.97
C ASP G 116 13.04 33.35 4.74
N ILE G 117 12.95 32.12 4.23
CA ILE G 117 13.76 31.60 3.09
C ILE G 117 13.59 32.56 1.90
N ARG G 118 12.33 32.82 1.49
CA ARG G 118 12.05 33.48 0.19
C ARG G 118 11.98 35.00 0.37
N ARG G 119 11.87 35.48 1.62
CA ARG G 119 11.92 36.93 1.97
C ARG G 119 10.70 37.66 1.41
N PHE G 120 9.57 36.98 1.23
CA PHE G 120 8.27 37.59 0.88
C PHE G 120 7.62 38.15 2.17
N GLY G 121 8.09 37.73 3.34
CA GLY G 121 7.65 38.24 4.65
C GLY G 121 8.07 39.70 4.85
N ARG G 122 7.34 40.41 5.71
CA ARG G 122 7.57 41.84 6.05
C ARG G 122 7.43 42.00 7.58
N TRP G 123 8.11 42.98 8.17
CA TRP G 123 7.75 43.48 9.53
C TRP G 123 7.75 45.01 9.52
N ASP G 124 6.95 45.61 10.39
CA ASP G 124 6.76 47.08 10.51
C ASP G 124 6.88 47.46 11.99
N LEU G 125 7.43 48.65 12.26
CA LEU G 125 7.40 49.30 13.60
C LEU G 125 5.96 49.73 13.90
N GLY G 126 5.49 49.52 15.13
CA GLY G 126 4.10 49.80 15.52
C GLY G 126 3.31 48.51 15.59
N GLY G 127 2.29 48.47 16.45
CA GLY G 127 1.54 47.24 16.72
C GLY G 127 0.24 47.17 15.92
N LYS G 128 0.03 48.07 14.98
CA LYS G 128 -1.27 48.18 14.26
C LYS G 128 -1.47 46.95 13.36
N TRP G 129 -2.65 46.35 13.42
CA TRP G 129 -3.17 45.41 12.40
C TRP G 129 -3.29 46.17 11.07
N GLN G 130 -3.12 45.50 9.93
CA GLN G 130 -3.20 46.17 8.61
C GLN G 130 -4.62 46.71 8.45
N PRO G 131 -4.80 48.00 8.17
CA PRO G 131 -6.14 48.53 7.88
C PRO G 131 -6.75 47.79 6.69
N GLY G 132 -8.05 47.53 6.76
CA GLY G 132 -8.78 46.84 5.68
C GLY G 132 -8.88 45.36 5.94
N ARG G 133 -7.94 44.76 6.67
CA ARG G 133 -8.00 43.31 7.01
C ARG G 133 -9.23 43.08 7.89
N GLY G 134 -10.08 42.12 7.51
CA GLY G 134 -11.28 41.75 8.28
C GLY G 134 -10.91 41.03 9.57
N PRO G 135 -11.91 40.69 10.42
CA PRO G 135 -11.66 39.98 11.67
C PRO G 135 -11.02 38.59 11.44
N CYS G 136 -10.21 38.15 12.39
CA CYS G 136 -9.53 36.82 12.36
C CYS G 136 -10.60 35.74 12.36
N VAL G 137 -10.58 34.84 11.36
CA VAL G 137 -11.57 33.74 11.24
C VAL G 137 -11.43 32.80 12.43
N LEU G 138 -10.26 32.75 13.09
CA LEU G 138 -10.01 31.86 14.24
C LEU G 138 -10.44 32.51 15.56
N GLN G 139 -9.98 33.73 15.83
CA GLN G 139 -10.05 34.31 17.19
C GLN G 139 -11.19 35.33 17.28
N GLU G 140 -11.83 35.68 16.16
CA GLU G 140 -12.92 36.69 16.09
C GLU G 140 -14.03 36.16 15.18
N TYR G 141 -14.46 34.91 15.38
CA TYR G 141 -15.39 34.17 14.48
C TYR G 141 -16.67 34.99 14.21
N GLN G 142 -17.31 35.44 15.29
CA GLN G 142 -18.65 36.06 15.24
C GLN G 142 -18.53 37.37 14.46
N GLN G 143 -17.50 38.16 14.74
CA GLN G 143 -17.24 39.44 14.03
C GLN G 143 -16.95 39.14 12.55
N PHE G 144 -16.14 38.12 12.25
CA PHE G 144 -15.81 37.70 10.87
C PHE G 144 -17.10 37.35 10.12
N ARG G 145 -17.96 36.52 10.72
CA ARG G 145 -19.20 35.98 10.09
C ARG G 145 -20.13 37.15 9.76
N GLU G 146 -20.34 38.04 10.73
CA GLU G 146 -21.24 39.20 10.59
C GLU G 146 -20.66 40.17 9.56
N ASN G 147 -19.33 40.37 9.53
CA ASN G 147 -18.67 41.31 8.58
C ASN G 147 -18.94 40.84 7.14
N VAL G 148 -18.92 39.53 6.88
CA VAL G 148 -19.29 38.99 5.54
C VAL G 148 -20.77 39.25 5.28
N LEU G 149 -21.67 38.70 6.12
CA LEU G 149 -23.13 38.62 5.88
C LEU G 149 -23.75 40.02 5.74
N ARG G 150 -23.16 41.02 6.39
CA ARG G 150 -23.69 42.42 6.42
C ARG G 150 -23.14 43.23 5.24
N ASN G 151 -22.26 42.68 4.41
CA ASN G 151 -21.60 43.45 3.30
C ASN G 151 -21.61 42.66 1.98
N LEU G 152 -22.64 41.85 1.72
CA LEU G 152 -22.77 41.00 0.51
C LEU G 152 -22.85 41.86 -0.77
N ALA G 153 -23.25 43.13 -0.65
CA ALA G 153 -23.34 44.08 -1.79
C ALA G 153 -21.94 44.37 -2.34
N ASP G 154 -20.93 44.38 -1.48
CA ASP G 154 -19.52 44.67 -1.85
C ASP G 154 -19.17 43.89 -3.14
N LYS G 155 -18.42 44.54 -4.03
CA LYS G 155 -18.04 43.99 -5.37
C LYS G 155 -17.09 42.79 -5.18
N ALA G 156 -16.50 42.64 -3.99
CA ALA G 156 -15.70 41.45 -3.60
C ALA G 156 -16.50 40.16 -3.89
N PHE G 157 -17.83 40.17 -3.70
CA PHE G 157 -18.69 38.96 -3.82
C PHE G 157 -19.13 38.73 -5.27
N ASP G 158 -18.73 39.59 -6.21
CA ASP G 158 -18.96 39.41 -7.67
C ASP G 158 -18.10 38.26 -8.20
N ARG G 159 -16.93 38.03 -7.58
CA ARG G 159 -15.89 37.10 -8.11
C ARG G 159 -16.24 35.65 -7.75
N PRO G 160 -15.59 34.66 -8.41
CA PRO G 160 -15.72 33.26 -8.00
C PRO G 160 -15.47 33.04 -6.50
N ILE G 161 -16.21 32.11 -5.90
CA ILE G 161 -16.12 31.86 -4.43
C ILE G 161 -14.67 31.53 -4.08
N CYS G 162 -13.95 30.74 -4.89
CA CYS G 162 -12.54 30.33 -4.58
C CYS G 162 -11.65 31.58 -4.49
N GLU G 163 -11.92 32.63 -5.27
CA GLU G 163 -11.11 33.87 -5.28
C GLU G 163 -11.53 34.77 -4.11
N ALA G 164 -12.83 34.88 -3.84
CA ALA G 164 -13.37 35.70 -2.74
C ALA G 164 -12.81 35.20 -1.40
N LEU G 165 -12.58 33.89 -1.26
CA LEU G 165 -12.07 33.27 0.00
C LEU G 165 -10.64 33.73 0.30
N LEU G 166 -9.89 34.24 -0.69
CA LEU G 166 -8.49 34.74 -0.50
C LEU G 166 -8.50 36.25 -0.19
N ASP G 167 -9.66 36.92 -0.31
CA ASP G 167 -9.79 38.38 -0.07
C ASP G 167 -9.71 38.64 1.45
N GLN G 168 -8.62 39.25 1.92
CA GLN G 168 -8.28 39.33 3.37
C GLN G 168 -9.12 40.40 4.07
N ARG G 169 -9.84 41.24 3.33
CA ARG G 169 -10.83 42.20 3.89
C ARG G 169 -11.98 41.41 4.55
N PHE G 170 -12.28 40.21 4.04
CA PHE G 170 -13.48 39.42 4.44
C PHE G 170 -13.08 38.08 5.08
N PHE G 171 -11.95 37.47 4.68
CA PHE G 171 -11.51 36.12 5.11
C PHE G 171 -10.06 36.16 5.61
N ASN G 172 -9.78 37.05 6.58
CA ASN G 172 -8.42 37.26 7.14
C ASN G 172 -7.92 35.95 7.76
N GLY G 173 -6.92 35.33 7.16
CA GLY G 173 -6.32 34.07 7.64
C GLY G 173 -6.52 32.94 6.63
N ILE G 174 -7.43 33.09 5.67
CA ILE G 174 -7.74 32.02 4.68
C ILE G 174 -6.74 32.13 3.53
N GLY G 175 -6.00 31.06 3.27
CA GLY G 175 -5.10 30.94 2.11
C GLY G 175 -5.44 29.75 1.23
N ASN G 176 -4.47 29.34 0.41
CA ASN G 176 -4.74 28.50 -0.78
C ASN G 176 -5.20 27.10 -0.35
N TYR G 177 -4.49 26.44 0.57
CA TYR G 177 -4.89 25.09 1.02
C TYR G 177 -6.25 25.23 1.73
N LEU G 178 -6.46 26.26 2.55
CA LEU G 178 -7.72 26.36 3.34
C LEU G 178 -8.93 26.48 2.40
N ARG G 179 -8.85 27.29 1.33
CA ARG G 179 -10.00 27.48 0.41
C ARG G 179 -10.35 26.14 -0.25
N ALA G 180 -9.35 25.34 -0.63
CA ALA G 180 -9.60 24.02 -1.25
C ALA G 180 -10.30 23.10 -0.25
N GLU G 181 -9.82 23.08 0.99
CA GLU G 181 -10.32 22.14 2.03
C GLU G 181 -11.77 22.49 2.35
N ILE G 182 -12.07 23.79 2.46
CA ILE G 182 -13.41 24.31 2.87
C ILE G 182 -14.43 23.95 1.77
N LEU G 183 -14.16 24.32 0.51
CA LEU G 183 -15.09 24.09 -0.63
C LEU G 183 -15.32 22.60 -0.87
N TYR G 184 -14.28 21.77 -0.69
CA TYR G 184 -14.36 20.29 -0.88
C TYR G 184 -15.34 19.68 0.14
N ARG G 185 -15.34 20.14 1.39
CA ARG G 185 -16.23 19.57 2.43
C ARG G 185 -17.71 19.80 2.10
N LEU G 186 -18.06 20.91 1.47
CA LEU G 186 -19.47 21.20 1.03
C LEU G 186 -19.65 20.90 -0.47
N LYS G 187 -18.62 20.41 -1.16
CA LYS G 187 -18.69 20.10 -2.61
C LYS G 187 -19.27 21.31 -3.35
N ILE G 188 -18.78 22.52 -3.02
CA ILE G 188 -19.16 23.77 -3.75
C ILE G 188 -18.18 23.94 -4.90
N PRO G 189 -18.66 23.98 -6.17
CA PRO G 189 -17.80 24.33 -7.31
C PRO G 189 -17.01 25.61 -7.03
N PRO G 190 -15.67 25.59 -7.20
CA PRO G 190 -14.84 26.74 -6.86
C PRO G 190 -15.12 28.00 -7.70
N PHE G 191 -15.69 27.84 -8.90
CA PHE G 191 -15.99 28.95 -9.83
C PHE G 191 -17.49 29.24 -9.88
N GLU G 192 -18.21 28.81 -8.83
CA GLU G 192 -19.54 29.36 -8.50
C GLU G 192 -19.32 30.81 -8.05
N LYS G 193 -20.27 31.71 -8.34
CA LYS G 193 -20.21 33.13 -7.88
C LYS G 193 -20.36 33.16 -6.36
N ALA G 194 -19.47 33.87 -5.67
CA ALA G 194 -19.42 34.01 -4.19
C ALA G 194 -20.78 34.46 -3.65
N ARG G 195 -21.37 35.51 -4.21
CA ARG G 195 -22.67 36.07 -3.74
C ARG G 195 -23.75 34.98 -3.75
N SER G 196 -23.79 34.15 -4.79
CA SER G 196 -24.79 33.07 -4.97
C SER G 196 -24.64 32.02 -3.86
N VAL G 197 -23.40 31.66 -3.50
CA VAL G 197 -23.11 30.63 -2.45
C VAL G 197 -23.46 31.20 -1.08
N LEU G 198 -23.22 32.50 -0.88
CA LEU G 198 -23.31 33.20 0.44
C LEU G 198 -24.76 33.64 0.72
N GLU G 199 -25.49 34.14 -0.28
CA GLU G 199 -26.95 34.44 -0.19
C GLU G 199 -27.67 33.14 0.22
N ALA G 200 -27.32 32.03 -0.43
CA ALA G 200 -27.84 30.66 -0.11
C ALA G 200 -27.24 30.18 1.21
N PRO G 223 -23.63 22.70 9.28
CA PRO G 223 -22.41 23.52 9.21
C PRO G 223 -22.21 24.12 7.81
N ASP G 224 -22.28 25.45 7.67
CA ASP G 224 -22.25 26.16 6.37
C ASP G 224 -20.83 26.67 6.06
N LEU G 225 -20.67 27.33 4.91
CA LEU G 225 -19.37 27.82 4.37
C LEU G 225 -18.66 28.73 5.38
N LEU G 226 -19.38 29.70 5.97
CA LEU G 226 -18.76 30.69 6.88
C LEU G 226 -18.30 29.98 8.16
N GLU G 227 -19.05 28.97 8.60
CA GLU G 227 -18.66 28.23 9.82
C GLU G 227 -17.39 27.43 9.57
N LEU G 228 -17.27 26.79 8.41
CA LEU G 228 -16.08 25.99 8.05
C LEU G 228 -14.86 26.92 7.89
N CYS G 229 -15.06 28.19 7.54
CA CYS G 229 -13.96 29.19 7.45
C CYS G 229 -13.31 29.35 8.83
N HIS G 230 -14.04 29.00 9.89
CA HIS G 230 -13.52 29.00 11.27
C HIS G 230 -13.08 27.57 11.66
N SER G 231 -13.95 26.58 11.55
CA SER G 231 -13.70 25.25 12.15
C SER G 231 -12.58 24.51 11.41
N VAL G 232 -12.43 24.73 10.11
CA VAL G 232 -11.39 24.02 9.31
C VAL G 232 -10.00 24.51 9.74
N PRO G 233 -9.69 25.83 9.66
CA PRO G 233 -8.41 26.31 10.16
C PRO G 233 -8.18 25.95 11.63
N LYS G 234 -9.23 25.87 12.45
CA LYS G 234 -9.11 25.47 13.87
C LYS G 234 -8.56 24.05 13.97
N GLU G 235 -8.95 23.16 13.06
CA GLU G 235 -8.43 21.77 13.05
C GLU G 235 -6.90 21.81 12.88
N VAL G 236 -6.42 22.68 12.00
CA VAL G 236 -4.96 22.80 11.71
C VAL G 236 -4.25 23.29 12.97
N VAL G 237 -4.83 24.25 13.68
CA VAL G 237 -4.30 24.75 15.00
C VAL G 237 -4.20 23.58 15.97
N GLN G 238 -5.20 22.69 16.00
CA GLN G 238 -5.27 21.59 16.98
C GLN G 238 -4.23 20.53 16.64
N LEU G 239 -3.95 20.34 15.35
CA LEU G 239 -2.82 19.50 14.85
C LEU G 239 -1.52 19.97 15.53
N GLY G 249 10.30 16.16 14.59
CA GLY G 249 11.13 16.68 13.49
C GLY G 249 10.29 17.27 12.36
N GLU G 250 10.36 16.67 11.16
CA GLU G 250 9.51 17.03 9.99
C GLU G 250 8.41 15.97 9.82
N GLU G 251 8.00 15.30 10.89
CA GLU G 251 6.78 14.46 10.95
C GLU G 251 5.55 15.37 11.16
N ASP G 252 5.76 16.67 11.42
CA ASP G 252 4.72 17.74 11.28
C ASP G 252 4.22 17.77 9.83
N PHE G 253 5.13 17.57 8.86
CA PHE G 253 4.83 17.55 7.40
C PHE G 253 3.88 16.38 7.09
N ALA G 254 4.19 15.19 7.61
CA ALA G 254 3.41 13.93 7.40
C ALA G 254 2.02 14.08 8.02
N ALA G 255 1.93 14.65 9.22
CA ALA G 255 0.67 14.83 10.00
C ALA G 255 -0.27 15.75 9.22
N PHE G 256 0.26 16.84 8.67
CA PHE G 256 -0.51 17.83 7.88
C PHE G 256 -1.04 17.19 6.60
N ARG G 257 -0.17 16.48 5.86
CA ARG G 257 -0.52 15.86 4.55
C ARG G 257 -1.57 14.77 4.74
N ALA G 258 -1.52 14.05 5.87
CA ALA G 258 -2.54 13.06 6.31
C ALA G 258 -3.90 13.75 6.56
N TRP G 259 -3.90 15.01 7.01
CA TRP G 259 -5.13 15.77 7.37
C TRP G 259 -5.83 16.31 6.11
N LEU G 260 -5.07 16.69 5.09
CA LEU G 260 -5.62 17.21 3.80
C LEU G 260 -6.53 16.15 3.18
N ARG G 261 -7.68 16.57 2.67
CA ARG G 261 -8.62 15.73 1.89
C ARG G 261 -8.56 16.08 0.40
N CYS G 262 -8.23 17.33 0.05
CA CYS G 262 -8.38 17.85 -1.34
C CYS G 262 -7.06 18.41 -1.87
N TYR G 263 -6.48 19.40 -1.19
CA TYR G 263 -5.33 20.18 -1.70
C TYR G 263 -4.18 19.22 -2.07
N GLY G 264 -3.83 19.18 -3.36
CA GLY G 264 -2.71 18.39 -3.91
C GLY G 264 -2.96 16.89 -3.90
N MET G 265 -4.17 16.42 -3.59
CA MET G 265 -4.46 14.98 -3.34
C MET G 265 -4.73 14.28 -4.67
N PRO G 266 -4.27 13.02 -4.82
CA PRO G 266 -4.51 12.28 -6.07
C PRO G 266 -6.02 12.10 -6.28
N GLY G 267 -6.46 12.12 -7.55
CA GLY G 267 -7.88 11.98 -7.94
C GLY G 267 -8.61 13.30 -7.96
N MET G 268 -8.01 14.37 -7.42
CA MET G 268 -8.60 15.72 -7.42
C MET G 268 -8.18 16.46 -8.70
N SER G 269 -9.05 17.33 -9.20
CA SER G 269 -8.77 18.28 -10.32
C SER G 269 -8.03 19.50 -9.75
N SER G 270 -7.35 20.26 -10.60
CA SER G 270 -6.70 21.56 -10.27
C SER G 270 -6.87 22.52 -11.45
N LEU G 271 -7.15 23.79 -11.19
CA LEU G 271 -7.23 24.87 -12.20
C LEU G 271 -6.54 26.12 -11.63
N GLN G 272 -6.15 27.05 -12.50
CA GLN G 272 -5.63 28.39 -12.12
C GLN G 272 -6.81 29.36 -12.04
N ASP G 273 -6.92 30.12 -10.94
CA ASP G 273 -7.84 31.27 -10.81
C ASP G 273 -7.24 32.44 -11.61
N ARG G 274 -7.90 33.59 -11.60
CA ARG G 274 -7.54 34.74 -12.49
C ARG G 274 -6.21 35.36 -12.04
N HIS G 275 -5.71 35.07 -10.84
CA HIS G 275 -4.38 35.56 -10.36
C HIS G 275 -3.32 34.45 -10.48
N GLY G 276 -3.64 33.37 -11.19
CA GLY G 276 -2.71 32.24 -11.45
C GLY G 276 -2.41 31.42 -10.21
N ARG G 277 -3.26 31.47 -9.17
CA ARG G 277 -3.16 30.60 -7.97
C ARG G 277 -3.97 29.32 -8.21
N THR G 278 -3.38 28.16 -7.90
CA THR G 278 -3.96 26.83 -8.18
C THR G 278 -5.05 26.51 -7.14
N ILE G 279 -6.28 26.29 -7.60
CA ILE G 279 -7.42 25.81 -6.77
C ILE G 279 -7.58 24.31 -7.01
N TRP G 280 -7.56 23.52 -5.93
CA TRP G 280 -7.86 22.06 -5.96
C TRP G 280 -9.33 21.81 -5.61
N PHE G 281 -9.96 20.84 -6.28
CA PHE G 281 -11.41 20.53 -6.15
C PHE G 281 -11.74 19.16 -6.75
N GLN G 282 -12.98 18.72 -6.53
CA GLN G 282 -13.55 17.47 -7.11
C GLN G 282 -14.76 17.84 -7.97
N GLY G 283 -14.85 17.26 -9.17
CA GLY G 283 -16.03 17.36 -10.06
C GLY G 283 -16.13 18.71 -10.73
N ASP G 284 -17.32 19.33 -10.65
CA ASP G 284 -17.74 20.53 -11.40
C ASP G 284 -16.80 21.68 -11.07
N PRO G 285 -16.11 22.27 -12.06
CA PRO G 285 -15.35 23.51 -11.82
C PRO G 285 -16.25 24.71 -11.49
N GLY G 286 -17.47 24.77 -12.05
CA GLY G 286 -18.43 25.86 -11.77
C GLY G 286 -18.49 26.87 -12.92
N PRO G 287 -19.48 27.78 -12.93
CA PRO G 287 -19.75 28.63 -14.10
C PRO G 287 -18.65 29.62 -14.53
N LEU G 288 -17.92 30.26 -13.61
CA LEU G 288 -16.99 31.37 -13.95
C LEU G 288 -15.56 30.85 -14.19
N ALA G 289 -15.41 29.59 -14.62
CA ALA G 289 -14.11 28.94 -14.89
C ALA G 289 -13.53 29.52 -16.18
#